data_8S0H
#
_entry.id   8S0H
#
_cell.length_a   46.101
_cell.length_b   215.835
_cell.length_c   56.509
_cell.angle_alpha   90.00
_cell.angle_beta   97.05
_cell.angle_gamma   90.00
#
_symmetry.space_group_name_H-M   'P 1 21 1'
#
loop_
_entity.id
_entity.type
_entity.pdbx_description
1 polymer 'Tyrosine-protein phosphatase non-receptor type 11'
2 non-polymer 5-(aminomethyl)-N-(3-chloranyl-1-methyl-indol-7-yl)-1,3-dihydroisoindole-2-sulfonamide
3 water water
#
_entity_poly.entity_id   1
_entity_poly.type   'polypeptide(L)'
_entity_poly.pdbx_seq_one_letter_code
;HMTSRRWFHPNITGVEAENLLLTRGVDGSFLARPSKSNPGDFTLSVRRNGAVTHIKIQNTGDYYDLYGGEKFATLAELVQ
YYMEHHGQLKEKNGDVIELKYPLNCADPTSERWFHGHLSGKEAEKLLTEKGKHGSFLVRESQSHPGDFVLSVRTGDDKGE
SNDGKSKVTHVMIRCQELKYDVGGGERFDSLTDLVEHYKKNPMVETLGTVLQLKQPLNTTRINAAEIESRVRELSKLAET
TDKVKQGFWEEFETLQQQECKLLYSRKEGQRQENKNKNRYKNILPFDHTRVVLHDGDPNEPVSDYINANIIMPEFETKCN
NSKPKKSYIATQGCLQNTVNDFWRMVFQENSRVIVMTTKEVERGKSKCVKYWPDEYALKEYGVMRVRNVKESAAHDYTLR
ELKLSKVGQGNTERTVWQYHFRTWPDHGVPSDPGGVLDFLEEVHHKQESIMDAGPVVVHCSAGIGRTGTFIVIDILIDII
REKGVDCDIDVPKTIQMVRSQRSGMVQTEAQYRFIYMAVQHYIETLQRRLEHHHHHH
;
_entity_poly.pdbx_strand_id   A,B
#
loop_
_chem_comp.id
_chem_comp.type
_chem_comp.name
_chem_comp.formula
A1H4Q non-polymer 5-(aminomethyl)-N-(3-chloranyl-1-methyl-indol-7-yl)-1,3-dihydroisoindole-2-sulfonamide 'C18 H19 Cl N4 O2 S'
#
# COMPACT_ATOMS: atom_id res chain seq x y z
N ARG A 5 -4.46 12.07 -8.75
CA ARG A 5 -4.33 13.08 -9.85
C ARG A 5 -3.16 14.03 -9.54
N ARG A 6 -2.01 13.44 -9.30
CA ARG A 6 -0.86 14.19 -8.77
C ARG A 6 -0.20 15.01 -9.88
N TRP A 7 -0.45 14.66 -11.13
CA TRP A 7 0.24 15.28 -12.26
C TRP A 7 -0.34 16.69 -12.54
N PHE A 8 -1.44 17.07 -11.88
CA PHE A 8 -2.03 18.40 -12.06
C PHE A 8 -1.49 19.37 -11.02
N HIS A 9 -0.88 20.48 -11.47
CA HIS A 9 -0.19 21.47 -10.59
C HIS A 9 -0.92 22.82 -10.66
N PRO A 10 -1.81 23.13 -9.69
CA PRO A 10 -2.70 24.31 -9.81
C PRO A 10 -2.05 25.70 -9.80
N ASN A 11 -0.91 25.87 -9.12
CA ASN A 11 -0.34 27.20 -8.85
C ASN A 11 1.08 27.30 -9.46
N ILE A 12 1.24 26.86 -10.70
CA ILE A 12 2.57 26.85 -11.31
C ILE A 12 2.55 27.73 -12.56
N THR A 13 3.62 28.49 -12.75
CA THR A 13 3.81 29.25 -13.97
C THR A 13 4.55 28.38 -15.00
N GLY A 14 4.49 28.79 -16.26
CA GLY A 14 5.14 28.07 -17.33
C GLY A 14 6.62 27.84 -17.06
N VAL A 15 7.31 28.87 -16.58
CA VAL A 15 8.76 28.78 -16.40
C VAL A 15 9.07 27.88 -15.20
N GLU A 16 8.21 27.89 -14.18
CA GLU A 16 8.33 26.98 -13.04
C GLU A 16 8.13 25.53 -13.52
N ALA A 17 7.18 25.33 -14.43
CA ALA A 17 6.89 24.00 -14.96
C ALA A 17 8.12 23.47 -15.69
N GLU A 18 8.71 24.28 -16.58
CA GLU A 18 9.94 23.92 -17.29
C GLU A 18 11.02 23.48 -16.31
N ASN A 19 11.23 24.27 -15.26
CA ASN A 19 12.35 24.04 -14.34
C ASN A 19 12.14 22.72 -13.59
N LEU A 20 10.89 22.38 -13.27
CA LEU A 20 10.56 21.13 -12.57
C LEU A 20 10.91 19.92 -13.45
N LEU A 21 10.52 19.98 -14.72
CA LEU A 21 10.72 18.87 -15.66
C LEU A 21 12.21 18.70 -15.99
N LEU A 22 12.95 19.79 -16.04
CA LEU A 22 14.37 19.74 -16.41
C LEU A 22 15.23 19.29 -15.23
N THR A 23 14.82 19.63 -14.01
CA THR A 23 15.63 19.37 -12.82
C THR A 23 15.14 18.11 -12.08
N ARG A 24 13.85 17.80 -12.13
CA ARG A 24 13.31 16.66 -11.37
C ARG A 24 12.62 15.64 -12.28
N GLY A 25 12.57 15.88 -13.59
CA GLY A 25 11.99 14.93 -14.54
C GLY A 25 13.04 14.33 -15.46
N VAL A 26 12.61 13.46 -16.36
CA VAL A 26 13.48 12.90 -17.40
C VAL A 26 12.67 12.89 -18.70
N ASP A 27 13.28 12.48 -19.81
CA ASP A 27 12.52 12.39 -21.07
C ASP A 27 11.30 11.47 -20.90
N GLY A 28 10.12 12.02 -21.16
CA GLY A 28 8.85 11.31 -20.98
C GLY A 28 8.06 11.82 -19.78
N SER A 29 8.70 12.62 -18.93
CA SER A 29 8.01 13.25 -17.81
C SER A 29 7.03 14.31 -18.32
N PHE A 30 5.96 14.58 -17.58
CA PHE A 30 4.89 15.45 -18.02
C PHE A 30 4.04 15.91 -16.82
N LEU A 31 3.39 17.06 -16.99
CA LEU A 31 2.43 17.61 -16.03
C LEU A 31 1.42 18.49 -16.80
N ALA A 32 0.28 18.73 -16.17
CA ALA A 32 -0.72 19.65 -16.68
C ALA A 32 -0.88 20.80 -15.68
N ARG A 33 -1.28 21.97 -16.17
CA ARG A 33 -1.48 23.17 -15.34
C ARG A 33 -2.49 24.12 -16.04
N PRO A 34 -3.18 24.96 -15.25
CA PRO A 34 -4.08 25.98 -15.78
C PRO A 34 -3.38 27.29 -16.13
N SER A 35 -4.01 28.12 -16.96
CA SER A 35 -3.71 29.56 -17.01
C SER A 35 -4.52 30.26 -15.92
N LYS A 36 -3.91 31.25 -15.27
CA LYS A 36 -4.54 31.96 -14.15
C LYS A 36 -5.40 33.12 -14.68
N SER A 37 -4.96 33.76 -15.76
CA SER A 37 -5.66 34.90 -16.34
C SER A 37 -6.81 34.44 -17.26
N ASN A 38 -6.63 33.29 -17.93
CA ASN A 38 -7.60 32.82 -18.93
C ASN A 38 -8.20 31.49 -18.45
N PRO A 39 -9.29 31.56 -17.67
CA PRO A 39 -9.94 30.33 -17.21
C PRO A 39 -10.44 29.51 -18.41
N GLY A 40 -10.36 28.19 -18.28
CA GLY A 40 -10.70 27.29 -19.38
C GLY A 40 -9.51 26.97 -20.27
N ASP A 41 -8.41 27.72 -20.11
CA ASP A 41 -7.20 27.40 -20.85
C ASP A 41 -6.29 26.59 -19.94
N PHE A 42 -5.76 25.50 -20.48
CA PHE A 42 -4.85 24.61 -19.78
C PHE A 42 -3.64 24.34 -20.66
N THR A 43 -2.55 23.89 -20.03
CA THR A 43 -1.33 23.54 -20.74
C THR A 43 -0.87 22.15 -20.28
N LEU A 44 -0.50 21.30 -21.25
CA LEU A 44 0.19 20.02 -21.00
C LEU A 44 1.67 20.21 -21.33
N SER A 45 2.54 20.17 -20.31
CA SER A 45 3.99 20.38 -20.49
C SER A 45 4.74 19.03 -20.42
N VAL A 46 5.60 18.78 -21.41
CA VAL A 46 6.20 17.46 -21.61
C VAL A 46 7.69 17.60 -21.91
N ARG A 47 8.51 16.71 -21.33
CA ARG A 47 9.94 16.64 -21.63
C ARG A 47 10.17 15.64 -22.78
N ARG A 48 10.99 16.05 -23.74
CA ARG A 48 11.46 15.18 -24.82
C ARG A 48 12.81 15.71 -25.32
N ASN A 49 13.82 14.83 -25.36
CA ASN A 49 15.15 15.18 -25.89
C ASN A 49 15.84 16.23 -25.02
N GLY A 50 15.55 16.25 -23.73
CA GLY A 50 16.16 17.21 -22.80
C GLY A 50 15.64 18.62 -23.01
N ALA A 51 14.50 18.76 -23.68
CA ALA A 51 13.83 20.06 -23.88
C ALA A 51 12.36 19.92 -23.47
N VAL A 52 11.70 21.06 -23.24
CA VAL A 52 10.30 21.07 -22.75
C VAL A 52 9.36 21.59 -23.85
N THR A 53 8.30 20.84 -24.15
CA THR A 53 7.24 21.26 -25.08
C THR A 53 5.97 21.59 -24.28
N HIS A 54 5.27 22.65 -24.69
CA HIS A 54 4.02 23.06 -24.06
C HIS A 54 2.86 22.92 -25.07
N ILE A 55 1.83 22.14 -24.72
CA ILE A 55 0.67 21.90 -25.61
C ILE A 55 -0.61 22.45 -24.98
N LYS A 56 -1.31 23.32 -25.71
CA LYS A 56 -2.52 23.98 -25.18
C LYS A 56 -3.73 23.04 -25.26
N ILE A 57 -4.56 23.16 -24.23
CA ILE A 57 -5.85 22.50 -24.11
C ILE A 57 -6.88 23.60 -23.78
N GLN A 58 -7.88 23.69 -24.64
CA GLN A 58 -8.94 24.71 -24.59
C GLN A 58 -10.26 24.05 -24.17
N ASN A 59 -10.99 24.65 -23.24
CA ASN A 59 -12.38 24.28 -22.98
C ASN A 59 -13.24 25.55 -23.04
N THR A 60 -14.14 25.67 -24.03
CA THR A 60 -15.11 26.80 -24.08
C THR A 60 -16.44 26.44 -23.39
N GLY A 61 -16.58 25.18 -23.02
CA GLY A 61 -17.78 24.75 -22.33
C GLY A 61 -18.29 23.40 -22.81
N ASP A 62 -17.76 22.88 -23.92
CA ASP A 62 -18.30 21.60 -24.44
C ASP A 62 -17.42 20.37 -24.34
N TYR A 63 -16.11 20.55 -24.23
CA TYR A 63 -15.13 19.44 -24.19
C TYR A 63 -13.72 20.04 -24.07
N TYR A 64 -12.78 19.20 -23.70
CA TYR A 64 -11.36 19.61 -23.67
C TYR A 64 -10.79 19.37 -25.07
N ASP A 65 -10.24 20.39 -25.68
CA ASP A 65 -9.69 20.28 -27.03
C ASP A 65 -8.19 20.44 -26.98
N LEU A 66 -7.49 19.31 -27.20
CA LEU A 66 -6.03 19.27 -27.16
C LEU A 66 -5.49 19.61 -28.55
N TYR A 67 -4.73 20.69 -28.70
CA TYR A 67 -4.20 21.07 -30.02
C TYR A 67 -3.24 19.98 -30.52
N GLY A 68 -3.52 19.41 -31.69
CA GLY A 68 -2.68 18.35 -32.27
C GLY A 68 -3.12 16.96 -31.85
N GLY A 69 -4.18 16.87 -31.05
CA GLY A 69 -4.74 15.60 -30.59
C GLY A 69 -6.26 15.56 -30.70
N GLU A 70 -6.89 14.87 -29.74
CA GLU A 70 -8.32 14.57 -29.76
C GLU A 70 -9.08 15.44 -28.74
N LYS A 71 -10.40 15.26 -28.69
CA LYS A 71 -11.28 15.89 -27.72
C LYS A 71 -11.66 14.89 -26.61
N PHE A 72 -11.71 15.34 -25.36
CA PHE A 72 -11.84 14.47 -24.17
C PHE A 72 -12.89 15.05 -23.21
N ALA A 73 -13.50 14.17 -22.41
CA ALA A 73 -14.49 14.60 -21.42
C ALA A 73 -13.82 15.10 -20.11
N THR A 74 -12.64 14.63 -19.77
CA THR A 74 -11.87 15.09 -18.54
C THR A 74 -10.36 15.02 -18.78
N LEU A 75 -9.57 15.77 -17.99
CA LEU A 75 -8.10 15.72 -18.14
C LEU A 75 -7.58 14.34 -17.70
N ALA A 76 -8.26 13.72 -16.74
CA ALA A 76 -7.87 12.35 -16.33
C ALA A 76 -8.08 11.37 -17.49
N GLU A 77 -9.19 11.49 -18.22
CA GLU A 77 -9.44 10.59 -19.34
C GLU A 77 -8.42 10.84 -20.46
N LEU A 78 -8.07 12.12 -20.69
CA LEU A 78 -7.00 12.49 -21.66
C LEU A 78 -5.67 11.79 -21.30
N VAL A 79 -5.24 11.92 -20.05
CA VAL A 79 -3.98 11.35 -19.62
C VAL A 79 -4.04 9.82 -19.75
N GLN A 80 -5.12 9.18 -19.32
CA GLN A 80 -5.23 7.71 -19.41
C GLN A 80 -5.10 7.28 -20.89
N TYR A 81 -5.72 8.03 -21.79
CA TYR A 81 -5.76 7.67 -23.21
C TYR A 81 -4.35 7.69 -23.84
N TYR A 82 -3.58 8.72 -23.54
CA TYR A 82 -2.28 8.90 -24.17
C TYR A 82 -1.18 8.09 -23.46
N MET A 83 -1.43 7.62 -22.23
CA MET A 83 -0.44 6.76 -21.52
C MET A 83 -0.58 5.28 -21.96
N GLU A 84 -1.63 4.97 -22.74
CA GLU A 84 -1.86 3.61 -23.29
C GLU A 84 -1.83 3.59 -24.83
N HIS A 85 -1.63 4.74 -25.47
CA HIS A 85 -1.60 4.84 -26.94
C HIS A 85 -0.41 5.71 -27.35
N HIS A 86 0.74 5.09 -27.53
CA HIS A 86 1.97 5.81 -27.92
C HIS A 86 1.93 6.13 -29.42
N GLY A 87 2.86 6.99 -29.83
CA GLY A 87 2.94 7.46 -31.21
C GLY A 87 1.78 8.38 -31.56
N GLN A 88 0.82 8.52 -30.65
CA GLN A 88 -0.53 8.97 -30.97
C GLN A 88 -0.64 10.49 -30.83
N LEU A 89 0.15 11.07 -29.94
CA LEU A 89 0.25 12.53 -29.78
C LEU A 89 1.44 13.05 -30.59
N LYS A 90 1.24 14.16 -31.30
CA LYS A 90 2.27 14.72 -32.18
C LYS A 90 2.27 16.25 -32.10
N GLU A 91 3.44 16.81 -32.38
CA GLU A 91 3.61 18.26 -32.46
C GLU A 91 3.26 18.74 -33.87
N LYS A 92 3.53 20.02 -34.16
CA LYS A 92 3.28 20.62 -35.50
C LYS A 92 4.06 19.86 -36.58
N ASN A 93 5.34 19.60 -36.34
CA ASN A 93 6.18 18.79 -37.26
C ASN A 93 5.54 17.42 -37.52
N GLY A 94 4.85 16.89 -36.51
CA GLY A 94 4.24 15.56 -36.59
C GLY A 94 5.02 14.53 -35.81
N ASP A 95 6.10 14.97 -35.15
CA ASP A 95 6.93 14.06 -34.34
C ASP A 95 6.20 13.60 -33.09
N VAL A 96 6.65 12.49 -32.53
CA VAL A 96 5.95 11.81 -31.43
C VAL A 96 6.39 12.43 -30.10
N ILE A 97 5.38 12.69 -29.28
CA ILE A 97 5.54 13.15 -27.92
C ILE A 97 4.93 12.08 -27.01
N GLU A 98 5.77 11.47 -26.17
CA GLU A 98 5.37 10.37 -25.27
C GLU A 98 5.09 10.90 -23.87
N LEU A 99 3.93 10.57 -23.30
CA LEU A 99 3.68 10.79 -21.88
C LEU A 99 4.00 9.48 -21.15
N LYS A 100 5.14 9.42 -20.44
CA LYS A 100 5.56 8.20 -19.77
C LYS A 100 5.42 8.32 -18.24
N TYR A 101 5.97 9.40 -17.68
CA TYR A 101 6.19 9.49 -16.24
C TYR A 101 5.53 10.75 -15.68
N PRO A 102 4.35 10.61 -15.05
CA PRO A 102 3.75 11.78 -14.41
C PRO A 102 4.71 12.44 -13.40
N LEU A 103 4.72 13.77 -13.37
CA LEU A 103 5.50 14.49 -12.36
C LEU A 103 4.52 14.98 -11.29
N ASN A 104 4.69 14.47 -10.07
CA ASN A 104 3.69 14.64 -9.00
C ASN A 104 3.86 15.99 -8.28
N CYS A 105 2.72 16.62 -8.02
CA CYS A 105 2.63 17.89 -7.27
C CYS A 105 2.61 17.58 -5.77
N ALA A 106 3.21 18.44 -4.95
CA ALA A 106 3.19 18.27 -3.49
C ALA A 106 2.20 19.26 -2.85
N ASP A 107 1.80 20.28 -3.60
CA ASP A 107 0.89 21.32 -3.09
C ASP A 107 -0.40 20.64 -2.64
N PRO A 108 -0.83 20.87 -1.40
CA PRO A 108 -2.07 20.20 -0.95
C PRO A 108 -3.37 20.99 -1.14
N THR A 109 -3.34 22.14 -1.81
CA THR A 109 -4.41 23.14 -1.68
C THR A 109 -5.72 22.68 -2.32
N SER A 110 -5.72 21.65 -3.18
CA SER A 110 -6.96 21.19 -3.89
C SER A 110 -7.52 19.89 -3.28
N GLU A 111 -7.04 19.48 -2.11
CA GLU A 111 -7.52 18.26 -1.48
C GLU A 111 -8.77 18.58 -0.63
N ARG A 112 -9.75 17.67 -0.62
CA ARG A 112 -11.01 17.87 0.11
C ARG A 112 -10.74 18.10 1.60
N TRP A 113 -9.73 17.41 2.16
CA TRP A 113 -9.45 17.42 3.61
C TRP A 113 -8.57 18.62 4.03
N PHE A 114 -8.11 19.42 3.07
CA PHE A 114 -7.25 20.55 3.39
C PHE A 114 -8.08 21.81 3.68
N HIS A 115 -7.88 22.37 4.88
CA HIS A 115 -8.55 23.61 5.28
C HIS A 115 -7.52 24.55 5.94
N GLY A 116 -6.54 25.00 5.15
CA GLY A 116 -5.34 25.65 5.66
C GLY A 116 -5.56 26.63 6.81
N HIS A 117 -6.66 27.38 6.74
CA HIS A 117 -6.84 28.64 7.50
C HIS A 117 -7.40 28.41 8.92
N LEU A 118 -8.10 27.29 9.13
CA LEU A 118 -8.86 27.05 10.39
C LEU A 118 -7.95 27.17 11.64
N SER A 119 -8.51 27.72 12.71
CA SER A 119 -7.93 27.63 14.05
C SER A 119 -8.48 26.39 14.75
N GLY A 120 -7.98 26.08 15.96
CA GLY A 120 -8.29 24.84 16.69
C GLY A 120 -9.72 24.76 17.20
N LYS A 121 -10.25 25.87 17.71
CA LYS A 121 -11.64 25.91 18.20
C LYS A 121 -12.60 25.95 16.99
N GLU A 122 -12.24 26.75 15.99
CA GLU A 122 -13.03 26.81 14.76
C GLU A 122 -13.05 25.43 14.09
N ALA A 123 -11.98 24.65 14.21
CA ALA A 123 -11.94 23.28 13.64
C ALA A 123 -12.74 22.32 14.54
N GLU A 124 -12.64 22.52 15.85
CA GLU A 124 -13.40 21.73 16.84
C GLU A 124 -14.90 21.98 16.66
N LYS A 125 -15.25 23.24 16.42
CA LYS A 125 -16.64 23.66 16.28
C LYS A 125 -17.22 23.10 14.98
N LEU A 126 -16.46 23.15 13.89
CA LEU A 126 -16.90 22.58 12.63
C LEU A 126 -17.12 21.07 12.78
N LEU A 127 -16.15 20.35 13.36
CA LEU A 127 -16.27 18.89 13.47
C LEU A 127 -17.40 18.54 14.44
N THR A 128 -17.60 19.39 15.45
CA THR A 128 -18.66 19.19 16.45
C THR A 128 -20.04 19.30 15.78
N GLU A 129 -20.22 20.28 14.91
CA GLU A 129 -21.55 20.59 14.36
C GLU A 129 -21.80 19.80 13.07
N LYS A 130 -20.77 19.64 12.25
CA LYS A 130 -20.95 19.15 10.88
C LYS A 130 -20.40 17.72 10.70
N GLY A 131 -19.57 17.23 11.62
CA GLY A 131 -18.88 15.95 11.41
C GLY A 131 -19.53 14.80 12.17
N LYS A 132 -19.05 13.59 11.85
CA LYS A 132 -19.46 12.34 12.50
C LYS A 132 -18.19 11.51 12.73
N HIS A 133 -18.32 10.26 13.20
CA HIS A 133 -17.15 9.41 13.41
C HIS A 133 -16.27 9.38 12.15
N GLY A 134 -14.98 9.63 12.33
CA GLY A 134 -13.99 9.53 11.25
C GLY A 134 -13.93 10.77 10.36
N SER A 135 -14.65 11.84 10.69
CA SER A 135 -14.49 13.09 9.94
C SER A 135 -13.16 13.75 10.34
N PHE A 136 -12.37 14.16 9.35
CA PHE A 136 -11.05 14.72 9.61
C PHE A 136 -10.76 15.90 8.68
N LEU A 137 -9.73 16.64 9.03
CA LEU A 137 -9.26 17.80 8.25
C LEU A 137 -7.78 18.05 8.62
N VAL A 138 -7.11 18.83 7.80
CA VAL A 138 -5.75 19.28 8.04
C VAL A 138 -5.71 20.80 7.89
N ARG A 139 -5.16 21.45 8.90
CA ARG A 139 -5.03 22.91 8.99
C ARG A 139 -3.58 23.27 9.31
N GLU A 140 -3.19 24.49 8.97
CA GLU A 140 -1.87 25.02 9.33
C GLU A 140 -1.84 25.38 10.82
N SER A 141 -0.76 24.97 11.49
CA SER A 141 -0.50 25.37 12.86
C SER A 141 -0.32 26.90 12.91
N GLN A 142 -0.91 27.53 13.93
CA GLN A 142 -0.82 28.97 14.11
C GLN A 142 0.42 29.28 14.95
N SER A 143 0.76 28.37 15.86
CA SER A 143 1.80 28.59 16.87
C SER A 143 3.18 28.18 16.32
N HIS A 144 3.22 27.42 15.23
CA HIS A 144 4.49 27.07 14.58
C HIS A 144 4.29 27.17 13.06
N PRO A 145 4.65 28.32 12.46
CA PRO A 145 4.50 28.54 11.02
C PRO A 145 5.29 27.54 10.17
N GLY A 146 4.64 26.92 9.19
CA GLY A 146 5.25 25.87 8.36
C GLY A 146 4.81 24.46 8.77
N ASP A 147 4.48 24.28 10.06
CA ASP A 147 3.92 23.02 10.56
C ASP A 147 2.40 22.97 10.30
N PHE A 148 1.79 21.79 10.51
CA PHE A 148 0.38 21.59 10.16
C PHE A 148 -0.27 20.78 11.29
N VAL A 149 -1.60 20.70 11.32
CA VAL A 149 -2.30 19.93 12.37
C VAL A 149 -3.43 19.10 11.73
N LEU A 150 -3.59 17.86 12.23
CA LEU A 150 -4.64 16.92 11.79
C LEU A 150 -5.70 16.82 12.88
N SER A 151 -6.92 17.24 12.59
CA SER A 151 -7.98 17.18 13.58
C SER A 151 -8.99 16.09 13.19
N VAL A 152 -9.35 15.22 14.13
CA VAL A 152 -10.21 14.07 13.79
C VAL A 152 -11.32 13.94 14.85
N ARG A 153 -12.54 13.61 14.39
CA ARG A 153 -13.64 13.26 15.30
C ARG A 153 -13.69 11.73 15.46
N THR A 154 -14.07 11.24 16.65
CA THR A 154 -14.35 9.81 16.86
C THR A 154 -15.45 9.63 17.91
N GLY A 155 -16.35 8.67 17.69
CA GLY A 155 -17.29 8.23 18.72
C GLY A 155 -18.57 7.63 18.17
N ASP A 156 -19.62 7.69 19.01
CA ASP A 156 -20.93 7.10 18.74
C ASP A 156 -21.83 8.08 17.98
N ASP A 157 -22.36 7.65 16.83
CA ASP A 157 -23.18 8.55 16.01
C ASP A 157 -24.64 8.65 16.45
N LYS A 158 -25.00 7.95 17.51
CA LYS A 158 -26.29 8.12 18.16
C LYS A 158 -26.17 9.25 19.20
N SER A 161 -27.67 14.48 21.61
CA SER A 161 -27.17 15.46 22.56
C SER A 161 -25.65 15.27 22.76
N ASN A 162 -25.07 16.12 23.59
CA ASN A 162 -23.64 16.08 23.89
C ASN A 162 -23.45 15.25 25.16
N ASP A 163 -23.34 13.94 24.95
CA ASP A 163 -23.33 12.92 26.02
C ASP A 163 -21.93 12.51 26.48
N GLY A 164 -20.90 12.85 25.69
CA GLY A 164 -19.51 12.45 25.97
C GLY A 164 -19.10 11.21 25.19
N LYS A 165 -19.96 10.74 24.28
CA LYS A 165 -19.71 9.51 23.53
C LYS A 165 -18.81 9.79 22.32
N SER A 166 -18.51 11.07 22.05
CA SER A 166 -17.63 11.44 20.95
C SER A 166 -16.63 12.51 21.41
N LYS A 167 -15.64 12.79 20.57
CA LYS A 167 -14.56 13.70 20.89
C LYS A 167 -13.80 14.10 19.63
N VAL A 168 -13.13 15.23 19.70
CA VAL A 168 -12.16 15.63 18.67
C VAL A 168 -10.75 15.40 19.25
N THR A 169 -9.84 14.88 18.43
CA THR A 169 -8.41 14.79 18.75
C THR A 169 -7.63 15.63 17.73
N HIS A 170 -6.51 16.18 18.18
CA HIS A 170 -5.59 16.93 17.34
C HIS A 170 -4.27 16.14 17.21
N VAL A 171 -3.63 16.15 16.03
CA VAL A 171 -2.28 15.58 15.91
C VAL A 171 -1.37 16.59 15.19
N MET A 172 -0.22 16.88 15.79
CA MET A 172 0.71 17.87 15.24
C MET A 172 1.55 17.22 14.13
N ILE A 173 1.81 18.00 13.08
CA ILE A 173 2.57 17.53 11.92
C ILE A 173 3.76 18.48 11.70
N ARG A 174 4.98 18.01 11.96
CA ARG A 174 6.16 18.85 11.77
C ARG A 174 6.55 18.89 10.30
N CYS A 175 7.14 20.01 9.88
CA CYS A 175 7.78 20.15 8.59
C CYS A 175 9.29 20.31 8.81
N GLN A 176 10.05 19.28 8.44
CA GLN A 176 11.49 19.28 8.67
C GLN A 176 12.19 18.94 7.35
N GLU A 177 12.89 19.91 6.79
CA GLU A 177 13.62 19.77 5.52
C GLU A 177 12.67 19.31 4.41
N LEU A 178 11.51 19.95 4.34
CA LEU A 178 10.51 19.72 3.27
C LEU A 178 9.86 18.34 3.36
N LYS A 179 9.91 17.71 4.55
CA LYS A 179 9.25 16.41 4.75
C LYS A 179 8.42 16.45 6.04
N TYR A 180 7.38 15.61 6.08
CA TYR A 180 6.33 15.74 7.08
C TYR A 180 6.27 14.48 7.94
N ASP A 181 6.07 14.67 9.25
CA ASP A 181 5.92 13.54 10.16
C ASP A 181 5.10 13.83 11.42
N VAL A 182 4.73 12.77 12.12
CA VAL A 182 3.86 12.86 13.30
C VAL A 182 4.70 12.62 14.57
N GLY A 183 5.98 12.95 14.50
CA GLY A 183 6.87 12.85 15.65
C GLY A 183 7.60 11.52 15.69
N GLY A 184 7.27 10.59 14.79
CA GLY A 184 8.04 9.35 14.72
C GLY A 184 7.86 8.66 13.39
N GLY A 185 8.64 7.60 13.16
CA GLY A 185 8.41 6.71 12.02
C GLY A 185 8.90 7.29 10.70
N GLU A 186 8.05 7.22 9.69
CA GLU A 186 8.40 7.61 8.32
C GLU A 186 8.24 9.13 8.18
N ARG A 187 9.17 9.73 7.42
CA ARG A 187 9.07 11.10 6.95
C ARG A 187 8.54 11.09 5.51
N PHE A 188 7.45 11.81 5.22
CA PHE A 188 6.75 11.79 3.91
C PHE A 188 7.10 13.03 3.07
N ASP A 189 7.06 12.89 1.75
CA ASP A 189 7.44 13.98 0.83
C ASP A 189 6.34 15.03 0.64
N SER A 190 5.16 14.80 1.22
CA SER A 190 4.03 15.72 1.07
C SER A 190 2.92 15.30 2.03
N LEU A 191 1.98 16.22 2.28
CA LEU A 191 0.86 15.91 3.17
C LEU A 191 0.01 14.79 2.58
N THR A 192 -0.22 14.82 1.27
CA THR A 192 -1.06 13.80 0.64
C THR A 192 -0.56 12.40 1.00
N ASP A 193 0.74 12.18 0.89
CA ASP A 193 1.32 10.86 1.15
C ASP A 193 1.17 10.48 2.62
N LEU A 194 1.30 11.46 3.51
CA LEU A 194 1.12 11.23 4.94
C LEU A 194 -0.35 10.85 5.22
N VAL A 195 -1.30 11.57 4.61
CA VAL A 195 -2.74 11.37 4.86
C VAL A 195 -3.14 9.99 4.31
N GLU A 196 -2.76 9.72 3.06
CA GLU A 196 -3.00 8.43 2.39
C GLU A 196 -2.45 7.26 3.23
N HIS A 197 -1.29 7.43 3.85
CA HIS A 197 -0.68 6.37 4.66
C HIS A 197 -1.49 6.11 5.92
N TYR A 198 -1.98 7.15 6.60
CA TYR A 198 -2.65 6.96 7.92
C TYR A 198 -4.15 6.68 7.71
N LYS A 199 -4.63 6.92 6.49
CA LYS A 199 -5.96 6.46 6.07
C LYS A 199 -5.98 4.92 6.02
N LYS A 200 -4.92 4.35 5.44
CA LYS A 200 -4.82 2.91 5.27
C LYS A 200 -4.37 2.28 6.59
N ASN A 201 -3.53 2.97 7.36
CA ASN A 201 -2.93 2.41 8.59
C ASN A 201 -3.08 3.40 9.76
N PRO A 202 -4.33 3.61 10.25
CA PRO A 202 -4.65 4.60 11.31
C PRO A 202 -3.82 4.50 12.59
N MET A 203 -3.64 5.67 13.21
CA MET A 203 -2.91 5.81 14.47
C MET A 203 -3.77 5.24 15.60
N VAL A 204 -3.12 4.63 16.59
CA VAL A 204 -3.79 4.12 17.78
C VAL A 204 -3.17 4.78 19.02
N GLU A 205 -4.03 5.33 19.87
CA GLU A 205 -3.59 5.83 21.18
C GLU A 205 -3.24 4.62 22.05
N THR A 206 -2.37 4.79 23.04
CA THR A 206 -2.00 3.64 23.88
C THR A 206 -3.27 3.01 24.47
N LEU A 207 -4.23 3.85 24.87
CA LEU A 207 -5.42 3.39 25.55
C LEU A 207 -6.47 2.87 24.54
N GLY A 208 -6.11 2.76 23.27
CA GLY A 208 -6.90 1.91 22.33
C GLY A 208 -7.57 2.66 21.19
N THR A 209 -8.01 3.89 21.43
CA THR A 209 -8.81 4.61 20.43
C THR A 209 -8.09 4.62 19.08
N VAL A 210 -8.83 4.27 18.02
CA VAL A 210 -8.34 4.28 16.63
C VAL A 210 -8.76 5.58 15.93
N LEU A 211 -7.80 6.45 15.60
CA LEU A 211 -8.11 7.70 14.86
C LEU A 211 -8.28 7.38 13.37
N GLN A 212 -9.47 6.91 13.01
CA GLN A 212 -9.77 6.46 11.65
C GLN A 212 -10.13 7.69 10.79
N LEU A 213 -9.52 7.76 9.60
CA LEU A 213 -9.77 8.85 8.69
C LEU A 213 -10.70 8.33 7.58
N LYS A 214 -12.00 8.58 7.78
CA LYS A 214 -13.05 7.97 6.98
C LYS A 214 -13.58 8.96 5.93
N GLN A 215 -13.96 10.17 6.34
CA GLN A 215 -14.51 11.17 5.40
C GLN A 215 -13.99 12.58 5.75
N PRO A 216 -13.51 13.33 4.77
CA PRO A 216 -13.17 14.75 4.99
C PRO A 216 -14.36 15.57 5.52
N LEU A 217 -14.09 16.53 6.42
CA LEU A 217 -15.10 17.46 6.89
C LEU A 217 -15.93 17.98 5.70
N ASN A 218 -17.25 17.97 5.81
CA ASN A 218 -18.15 18.51 4.77
C ASN A 218 -18.62 19.93 5.13
N THR A 219 -18.26 20.93 4.30
CA THR A 219 -18.71 22.32 4.50
C THR A 219 -19.58 22.80 3.33
N THR A 220 -19.82 21.95 2.31
CA THR A 220 -20.60 22.39 1.16
C THR A 220 -22.08 22.01 1.32
N ARG A 221 -22.41 21.07 2.20
CA ARG A 221 -23.83 20.78 2.50
C ARG A 221 -24.38 21.97 3.28
N ILE A 222 -25.37 22.66 2.72
CA ILE A 222 -26.00 23.77 3.43
C ILE A 222 -27.50 23.80 3.15
N ASN A 223 -28.19 24.35 4.14
CA ASN A 223 -29.59 24.68 4.09
C ASN A 223 -29.81 25.74 3.01
N ALA A 224 -30.96 25.74 2.37
CA ALA A 224 -31.13 26.45 1.10
C ALA A 224 -31.16 27.97 1.34
N ALA A 225 -31.58 28.42 2.51
CA ALA A 225 -31.64 29.85 2.81
C ALA A 225 -30.23 30.41 3.13
N GLU A 226 -29.22 29.55 3.19
CA GLU A 226 -27.83 29.99 3.39
C GLU A 226 -27.16 30.35 2.06
N ILE A 227 -27.74 29.94 0.92
CA ILE A 227 -27.06 30.03 -0.39
C ILE A 227 -26.64 31.48 -0.65
N GLU A 228 -27.48 32.46 -0.26
CA GLU A 228 -27.26 33.88 -0.57
C GLU A 228 -25.93 34.37 0.01
N SER A 229 -25.65 34.04 1.27
CA SER A 229 -24.44 34.54 1.91
C SER A 229 -23.22 33.70 1.48
N ARG A 230 -23.46 32.46 1.07
CA ARG A 230 -22.37 31.59 0.64
C ARG A 230 -21.88 32.01 -0.76
N VAL A 231 -22.80 32.46 -1.63
CA VAL A 231 -22.42 32.98 -2.97
C VAL A 231 -21.56 34.24 -2.75
N ARG A 232 -21.95 35.07 -1.78
CA ARG A 232 -21.19 36.28 -1.43
C ARG A 232 -19.76 35.92 -1.00
N GLU A 233 -19.60 34.95 -0.09
CA GLU A 233 -18.26 34.53 0.37
C GLU A 233 -17.44 34.05 -0.84
N LEU A 234 -17.99 33.10 -1.58
CA LEU A 234 -17.34 32.49 -2.72
C LEU A 234 -17.01 33.50 -3.82
N SER A 235 -17.71 34.65 -3.88
CA SER A 235 -17.44 35.68 -4.91
C SER A 235 -16.30 36.63 -4.49
N LYS A 236 -15.87 36.62 -3.22
CA LYS A 236 -14.86 37.56 -2.74
C LYS A 236 -13.45 37.04 -3.05
N GLN A 246 -12.81 34.07 -6.19
CA GLN A 246 -11.77 33.06 -6.32
C GLN A 246 -12.05 31.89 -5.36
N GLY A 247 -13.04 32.01 -4.49
CA GLY A 247 -13.52 30.86 -3.71
C GLY A 247 -14.22 29.85 -4.61
N PHE A 248 -14.91 30.37 -5.63
CA PHE A 248 -15.54 29.52 -6.63
C PHE A 248 -14.51 28.67 -7.35
N TRP A 249 -13.37 29.29 -7.72
CA TRP A 249 -12.28 28.56 -8.36
C TRP A 249 -11.75 27.46 -7.43
N GLU A 250 -11.41 27.83 -6.20
CA GLU A 250 -10.86 26.86 -5.23
C GLU A 250 -11.81 25.66 -5.08
N GLU A 251 -13.09 25.94 -4.84
CA GLU A 251 -14.08 24.87 -4.66
C GLU A 251 -14.24 24.03 -5.96
N PHE A 252 -14.20 24.67 -7.13
CA PHE A 252 -14.34 23.91 -8.37
C PHE A 252 -13.14 22.97 -8.57
N GLU A 253 -11.94 23.50 -8.35
CA GLU A 253 -10.73 22.74 -8.59
C GLU A 253 -10.65 21.57 -7.60
N THR A 254 -11.19 21.76 -6.39
CA THR A 254 -11.26 20.67 -5.41
C THR A 254 -12.11 19.51 -5.97
N LEU A 255 -13.25 19.86 -6.57
CA LEU A 255 -14.11 18.88 -7.28
C LEU A 255 -13.35 18.22 -8.43
N GLN A 256 -12.67 19.01 -9.28
CA GLN A 256 -11.95 18.40 -10.42
C GLN A 256 -10.91 17.36 -9.96
N GLN A 257 -10.27 17.58 -8.80
CA GLN A 257 -9.23 16.65 -8.32
C GLN A 257 -9.82 15.33 -7.82
N GLN A 258 -11.15 15.16 -7.91
CA GLN A 258 -11.82 13.90 -7.54
C GLN A 258 -12.15 13.07 -8.79
N GLU A 259 -11.87 13.60 -10.00
CA GLU A 259 -12.29 12.93 -11.25
C GLU A 259 -11.46 11.66 -11.52
N CYS A 260 -10.30 11.56 -10.85
N CYS A 260 -10.28 11.50 -10.89
CA CYS A 260 -9.44 10.38 -10.82
CA CYS A 260 -9.50 10.27 -11.04
C CYS A 260 -10.20 9.14 -10.33
C CYS A 260 -10.19 9.10 -10.33
N LYS A 261 -11.26 9.38 -9.57
CA LYS A 261 -12.09 8.32 -8.98
C LYS A 261 -13.18 7.83 -9.97
N LEU A 262 -13.28 8.40 -11.17
CA LEU A 262 -14.45 8.14 -12.03
C LEU A 262 -14.02 7.53 -13.38
N LEU A 263 -12.93 6.76 -13.38
CA LEU A 263 -12.43 6.22 -14.64
C LEU A 263 -13.06 4.84 -14.90
N TYR A 264 -14.38 4.81 -15.04
CA TYR A 264 -15.11 3.55 -15.25
C TYR A 264 -15.02 3.13 -16.73
N SER A 265 -15.29 1.85 -16.99
CA SER A 265 -15.03 1.30 -18.33
C SER A 265 -16.06 1.81 -19.36
N ARG A 266 -15.60 1.93 -20.62
CA ARG A 266 -16.39 2.36 -21.76
C ARG A 266 -16.14 1.41 -22.95
N LYS A 267 -16.10 0.10 -22.69
CA LYS A 267 -15.68 -0.87 -23.71
C LYS A 267 -16.68 -0.95 -24.87
N GLU A 268 -17.99 -0.91 -24.62
CA GLU A 268 -18.96 -1.07 -25.73
C GLU A 268 -18.80 0.08 -26.74
N GLY A 269 -18.52 1.29 -26.26
CA GLY A 269 -18.35 2.44 -27.15
C GLY A 269 -17.04 2.38 -27.94
N GLN A 270 -16.09 1.55 -27.50
CA GLN A 270 -14.79 1.38 -28.25
C GLN A 270 -14.89 0.28 -29.33
N ARG A 271 -15.98 -0.47 -29.42
CA ARG A 271 -16.06 -1.53 -30.45
C ARG A 271 -16.01 -0.95 -31.87
N GLN A 272 -15.33 -1.64 -32.77
CA GLN A 272 -15.18 -1.18 -34.16
C GLN A 272 -16.56 -0.93 -34.76
N GLU A 273 -17.54 -1.78 -34.43
CA GLU A 273 -18.90 -1.69 -34.99
C GLU A 273 -19.60 -0.38 -34.56
N ASN A 274 -19.09 0.22 -33.48
CA ASN A 274 -19.71 1.37 -32.83
C ASN A 274 -18.91 2.67 -33.07
N LYS A 275 -17.69 2.59 -33.63
CA LYS A 275 -16.85 3.79 -33.78
C LYS A 275 -17.61 4.94 -34.48
N ASN A 276 -18.37 4.68 -35.54
CA ASN A 276 -18.93 5.77 -36.34
CA ASN A 276 -18.93 5.78 -36.33
C ASN A 276 -20.30 6.19 -35.77
N LYS A 277 -20.62 5.76 -34.54
CA LYS A 277 -21.88 6.16 -33.87
C LYS A 277 -21.60 7.24 -32.79
N ASN A 278 -20.35 7.71 -32.72
CA ASN A 278 -19.85 8.64 -31.67
C ASN A 278 -19.41 9.96 -32.31
N ARG A 279 -19.86 11.07 -31.76
CA ARG A 279 -19.48 12.40 -32.30
C ARG A 279 -17.95 12.54 -32.24
N TYR A 280 -17.39 12.19 -31.10
CA TYR A 280 -15.96 12.24 -30.87
C TYR A 280 -15.52 10.86 -30.35
N LYS A 281 -14.48 10.29 -30.96
CA LYS A 281 -14.11 8.86 -30.76
C LYS A 281 -13.82 8.53 -29.28
N ASN A 282 -13.33 9.48 -28.48
CA ASN A 282 -12.95 9.21 -27.08
C ASN A 282 -13.91 9.86 -26.08
N ILE A 283 -15.06 10.42 -26.52
CA ILE A 283 -16.08 10.85 -25.54
C ILE A 283 -17.17 9.76 -25.58
N LEU A 284 -17.20 8.90 -24.58
CA LEU A 284 -17.96 7.64 -24.69
C LEU A 284 -18.80 7.42 -23.42
N PRO A 285 -19.89 6.65 -23.55
CA PRO A 285 -20.77 6.31 -22.42
C PRO A 285 -20.19 5.21 -21.52
N PHE A 286 -20.29 5.39 -20.20
CA PHE A 286 -19.93 4.32 -19.27
C PHE A 286 -20.79 3.09 -19.58
N ASP A 287 -20.17 1.91 -19.48
CA ASP A 287 -20.92 0.65 -19.74
C ASP A 287 -22.06 0.42 -18.74
N HIS A 288 -21.83 0.83 -17.49
CA HIS A 288 -22.71 0.46 -16.38
C HIS A 288 -23.98 1.32 -16.41
N THR A 289 -23.99 2.42 -17.14
CA THR A 289 -25.19 3.28 -17.19
C THR A 289 -25.68 3.56 -18.62
N ARG A 290 -25.07 2.98 -19.65
CA ARG A 290 -25.47 3.22 -21.06
C ARG A 290 -26.90 2.73 -21.30
N VAL A 291 -27.56 3.39 -22.22
CA VAL A 291 -28.89 3.00 -22.71
C VAL A 291 -28.72 1.88 -23.74
N VAL A 292 -29.27 0.71 -23.44
CA VAL A 292 -29.20 -0.46 -24.31
C VAL A 292 -30.44 -0.53 -25.20
N LEU A 293 -30.29 -0.57 -26.54
CA LEU A 293 -31.46 -0.69 -27.45
C LEU A 293 -31.72 -2.17 -27.76
N HIS A 294 -32.98 -2.57 -27.58
CA HIS A 294 -33.46 -3.91 -27.93
C HIS A 294 -34.30 -3.82 -29.21
N ASP A 295 -34.78 -4.95 -29.69
CA ASP A 295 -35.59 -5.07 -30.92
C ASP A 295 -34.91 -4.49 -32.15
N GLY A 296 -33.61 -4.71 -32.27
CA GLY A 296 -32.85 -4.26 -33.42
C GLY A 296 -33.08 -5.13 -34.63
N ASP A 297 -32.91 -4.55 -35.82
CA ASP A 297 -32.88 -5.33 -37.07
C ASP A 297 -31.96 -6.54 -36.82
N PRO A 298 -32.48 -7.78 -36.95
CA PRO A 298 -31.69 -9.00 -36.69
C PRO A 298 -30.42 -9.12 -37.55
N ASN A 299 -30.40 -8.51 -38.73
CA ASN A 299 -29.23 -8.55 -39.61
C ASN A 299 -28.09 -7.72 -38.99
N GLU A 300 -28.43 -6.58 -38.37
CA GLU A 300 -27.41 -5.64 -37.88
C GLU A 300 -26.63 -6.28 -36.73
N PRO A 301 -25.32 -6.59 -36.97
CA PRO A 301 -24.44 -7.27 -36.02
C PRO A 301 -24.53 -6.67 -34.60
N VAL A 302 -24.36 -5.36 -34.51
CA VAL A 302 -24.45 -4.63 -33.25
C VAL A 302 -25.49 -3.53 -33.42
N SER A 303 -26.69 -3.74 -32.87
CA SER A 303 -27.82 -2.79 -33.03
C SER A 303 -28.23 -2.19 -31.68
N ASP A 304 -27.43 -2.44 -30.65
CA ASP A 304 -27.82 -2.12 -29.26
C ASP A 304 -27.15 -0.86 -28.69
N TYR A 305 -26.39 -0.13 -29.53
CA TYR A 305 -25.52 0.96 -29.03
C TYR A 305 -26.07 2.32 -29.46
N ILE A 306 -26.11 3.23 -28.50
CA ILE A 306 -26.22 4.69 -28.72
C ILE A 306 -25.33 5.40 -27.68
N ASN A 307 -24.73 6.53 -28.07
CA ASN A 307 -23.93 7.34 -27.11
C ASN A 307 -24.89 8.13 -26.20
N ALA A 308 -25.30 7.49 -25.11
CA ALA A 308 -26.30 8.00 -24.17
C ALA A 308 -26.18 7.24 -22.84
N ASN A 309 -26.53 7.91 -21.74
CA ASN A 309 -26.51 7.30 -20.40
C ASN A 309 -27.77 7.69 -19.60
N ILE A 310 -28.27 6.76 -18.80
CA ILE A 310 -29.31 7.07 -17.79
C ILE A 310 -28.69 7.87 -16.65
N ILE A 311 -29.29 9.02 -16.31
CA ILE A 311 -28.91 9.74 -15.09
C ILE A 311 -30.05 9.57 -14.05
N MET A 312 -29.77 8.84 -12.95
CA MET A 312 -30.70 8.68 -11.84
C MET A 312 -30.17 9.41 -10.60
N PRO A 313 -30.85 10.48 -10.17
CA PRO A 313 -30.34 11.25 -9.03
C PRO A 313 -30.29 10.36 -7.77
N GLU A 314 -29.20 10.41 -7.01
CA GLU A 314 -29.11 9.70 -5.70
C GLU A 314 -28.75 10.72 -4.60
N PRO A 324 -41.47 9.52 -6.25
CA PRO A 324 -41.94 9.86 -7.60
C PRO A 324 -40.85 10.65 -8.34
N LYS A 325 -39.67 10.04 -8.49
CA LYS A 325 -38.43 10.78 -8.77
C LYS A 325 -38.20 10.87 -10.29
N LYS A 326 -37.80 12.06 -10.74
CA LYS A 326 -37.53 12.32 -12.15
C LYS A 326 -36.17 11.74 -12.52
N SER A 327 -36.06 11.05 -13.66
CA SER A 327 -34.74 10.66 -14.18
C SER A 327 -34.55 11.23 -15.59
N TYR A 328 -33.32 11.12 -16.12
CA TYR A 328 -32.93 11.75 -17.36
C TYR A 328 -32.11 10.78 -18.22
N ILE A 329 -32.05 11.10 -19.48
CA ILE A 329 -31.07 10.57 -20.40
C ILE A 329 -30.25 11.75 -20.93
N ALA A 330 -28.93 11.71 -20.68
CA ALA A 330 -27.99 12.67 -21.22
C ALA A 330 -27.37 12.08 -22.49
N THR A 331 -27.45 12.81 -23.61
CA THR A 331 -26.90 12.25 -24.87
C THR A 331 -26.35 13.36 -25.77
N GLN A 332 -25.64 12.91 -26.80
CA GLN A 332 -25.03 13.76 -27.81
C GLN A 332 -26.08 14.20 -28.86
N GLY A 333 -25.74 15.22 -29.64
CA GLY A 333 -26.45 15.54 -30.91
C GLY A 333 -26.31 14.40 -31.90
N CYS A 334 -27.31 14.21 -32.75
CA CYS A 334 -27.30 13.07 -33.64
C CYS A 334 -26.22 13.23 -34.71
N LEU A 335 -25.73 12.09 -35.21
CA LEU A 335 -25.06 12.01 -36.50
C LEU A 335 -26.11 11.63 -37.55
N GLN A 336 -25.84 11.85 -38.82
CA GLN A 336 -26.91 11.60 -39.76
C GLN A 336 -27.19 10.09 -39.71
N ASN A 337 -26.19 9.27 -39.34
CA ASN A 337 -26.35 7.79 -39.26
C ASN A 337 -26.83 7.34 -37.87
N THR A 338 -27.16 8.23 -36.93
CA THR A 338 -27.72 7.77 -35.62
C THR A 338 -29.14 8.33 -35.41
N VAL A 339 -29.71 9.02 -36.40
CA VAL A 339 -31.06 9.59 -36.23
C VAL A 339 -32.07 8.48 -35.90
N ASN A 340 -32.05 7.37 -36.65
CA ASN A 340 -33.01 6.27 -36.44
C ASN A 340 -32.82 5.68 -35.02
N ASP A 341 -31.57 5.56 -34.54
CA ASP A 341 -31.29 5.02 -33.21
C ASP A 341 -31.81 5.94 -32.08
N PHE A 342 -31.67 7.25 -32.28
CA PHE A 342 -32.25 8.23 -31.37
C PHE A 342 -33.77 8.00 -31.25
N TRP A 343 -34.50 7.88 -32.36
CA TRP A 343 -35.96 7.66 -32.23
C TRP A 343 -36.27 6.29 -31.61
N ARG A 344 -35.50 5.23 -31.90
CA ARG A 344 -35.68 3.94 -31.23
C ARG A 344 -35.60 4.11 -29.71
N MET A 345 -34.65 4.91 -29.24
CA MET A 345 -34.41 5.12 -27.81
C MET A 345 -35.60 5.88 -27.17
N VAL A 346 -36.05 6.97 -27.79
CA VAL A 346 -37.19 7.77 -27.25
C VAL A 346 -38.42 6.89 -27.10
N PHE A 347 -38.75 6.13 -28.15
CA PHE A 347 -39.87 5.21 -28.14
C PHE A 347 -39.72 4.12 -27.04
N GLN A 348 -38.56 3.47 -26.99
CA GLN A 348 -38.35 2.32 -26.06
C GLN A 348 -38.42 2.78 -24.58
N GLU A 349 -37.85 3.94 -24.28
CA GLU A 349 -37.76 4.43 -22.90
C GLU A 349 -39.02 5.19 -22.49
N ASN A 350 -39.98 5.37 -23.42
CA ASN A 350 -41.27 6.06 -23.15
C ASN A 350 -41.03 7.55 -22.80
N SER A 351 -39.97 8.16 -23.30
CA SER A 351 -39.70 9.60 -23.04
C SER A 351 -40.74 10.46 -23.77
N ARG A 352 -41.25 11.50 -23.10
CA ARG A 352 -42.29 12.36 -23.63
C ARG A 352 -41.85 13.83 -23.72
N VAL A 353 -40.62 14.14 -23.30
CA VAL A 353 -40.09 15.50 -23.25
C VAL A 353 -38.60 15.46 -23.62
N ILE A 354 -38.21 16.31 -24.57
CA ILE A 354 -36.80 16.46 -25.02
C ILE A 354 -36.38 17.93 -24.81
N VAL A 355 -35.16 18.11 -24.31
CA VAL A 355 -34.49 19.42 -24.24
C VAL A 355 -33.26 19.41 -25.14
N MET A 356 -33.18 20.40 -26.04
CA MET A 356 -32.03 20.64 -26.91
C MET A 356 -31.24 21.83 -26.35
N THR A 357 -29.91 21.71 -26.27
CA THR A 357 -29.06 22.69 -25.53
C THR A 357 -28.32 23.65 -26.47
N THR A 358 -28.38 23.44 -27.80
CA THR A 358 -27.69 24.34 -28.73
C THR A 358 -28.57 24.64 -29.96
N LYS A 359 -28.23 25.69 -30.71
CA LYS A 359 -28.79 25.85 -32.07
C LYS A 359 -28.31 24.71 -32.98
N GLU A 360 -28.96 24.56 -34.13
CA GLU A 360 -28.52 23.56 -35.11
C GLU A 360 -27.06 23.88 -35.48
N VAL A 361 -26.80 25.18 -35.64
CA VAL A 361 -25.52 25.72 -36.08
C VAL A 361 -25.07 26.89 -35.18
N GLU A 362 -23.78 26.87 -34.81
CA GLU A 362 -23.14 27.95 -34.07
C GLU A 362 -21.73 28.12 -34.65
N ARG A 363 -21.30 29.36 -34.84
CA ARG A 363 -19.96 29.66 -35.41
C ARG A 363 -19.79 29.02 -36.80
N GLY A 364 -20.90 28.76 -37.50
CA GLY A 364 -20.86 28.14 -38.84
C GLY A 364 -20.56 26.64 -38.78
N LYS A 365 -20.65 26.04 -37.59
CA LYS A 365 -20.36 24.63 -37.40
C LYS A 365 -21.60 23.93 -36.84
N SER A 366 -21.79 22.68 -37.29
CA SER A 366 -22.94 21.85 -36.89
C SER A 366 -22.77 21.46 -35.42
N LYS A 367 -23.74 21.81 -34.58
CA LYS A 367 -23.74 21.44 -33.17
C LYS A 367 -24.89 20.49 -32.82
N CYS A 368 -26.01 20.53 -33.55
CA CYS A 368 -27.10 19.60 -33.27
C CYS A 368 -27.93 19.34 -34.53
N VAL A 369 -27.70 18.17 -35.12
CA VAL A 369 -28.21 17.82 -36.46
C VAL A 369 -29.75 17.71 -36.43
N LYS A 370 -30.42 18.25 -37.44
CA LYS A 370 -31.89 18.26 -37.48
C LYS A 370 -32.40 16.82 -37.65
N TYR A 371 -33.31 16.40 -36.77
CA TYR A 371 -33.81 15.00 -36.74
C TYR A 371 -35.34 14.93 -36.63
N TRP A 372 -36.01 16.04 -36.84
CA TRP A 372 -37.47 16.15 -36.76
C TRP A 372 -37.97 16.73 -38.10
N PRO A 373 -39.22 16.46 -38.48
CA PRO A 373 -39.73 17.03 -39.70
C PRO A 373 -40.09 18.51 -39.58
N ASP A 374 -40.11 19.22 -40.72
CA ASP A 374 -40.66 20.61 -40.85
C ASP A 374 -42.08 20.66 -40.32
N GLU A 375 -42.53 21.84 -39.91
CA GLU A 375 -43.87 22.00 -39.30
C GLU A 375 -44.96 21.52 -40.27
N TYR A 376 -45.92 20.74 -39.73
CA TYR A 376 -47.08 20.10 -40.43
C TYR A 376 -46.68 18.85 -41.23
N ALA A 377 -45.40 18.52 -41.37
CA ALA A 377 -44.97 17.43 -42.23
C ALA A 377 -44.89 16.11 -41.45
N LEU A 378 -44.78 15.02 -42.20
CA LEU A 378 -44.68 13.66 -41.64
C LEU A 378 -43.49 12.91 -42.29
N LYS A 379 -42.64 12.27 -41.48
CA LYS A 379 -41.46 11.53 -41.99
C LYS A 379 -41.28 10.19 -41.25
N GLU A 380 -40.67 9.26 -41.95
CA GLU A 380 -40.32 7.96 -41.41
C GLU A 380 -38.81 7.91 -41.18
N TYR A 381 -38.42 7.48 -39.98
CA TYR A 381 -37.04 7.28 -39.56
C TYR A 381 -36.87 5.79 -39.21
N GLY A 382 -36.46 5.00 -40.18
CA GLY A 382 -36.56 3.53 -40.07
C GLY A 382 -37.98 3.05 -39.76
N VAL A 383 -38.14 2.32 -38.64
CA VAL A 383 -39.41 1.71 -38.22
C VAL A 383 -40.30 2.73 -37.48
N MET A 384 -39.79 3.94 -37.19
CA MET A 384 -40.53 4.96 -36.43
C MET A 384 -41.08 6.04 -37.37
N ARG A 385 -42.18 6.65 -36.99
CA ARG A 385 -42.85 7.67 -37.79
C ARG A 385 -43.09 8.91 -36.90
N VAL A 386 -42.75 10.10 -37.38
CA VAL A 386 -42.92 11.33 -36.57
C VAL A 386 -43.71 12.37 -37.39
N ARG A 387 -44.75 12.94 -36.76
CA ARG A 387 -45.44 14.15 -37.29
C ARG A 387 -45.06 15.39 -36.46
N ASN A 388 -44.71 16.50 -37.14
CA ASN A 388 -44.50 17.78 -36.45
C ASN A 388 -45.85 18.53 -36.46
N VAL A 389 -46.52 18.53 -35.31
CA VAL A 389 -47.92 18.97 -35.29
C VAL A 389 -47.98 20.50 -35.25
N LYS A 390 -47.11 21.14 -34.47
CA LYS A 390 -47.16 22.60 -34.24
C LYS A 390 -45.86 23.08 -33.57
N GLU A 391 -45.31 24.18 -34.08
CA GLU A 391 -44.24 24.94 -33.42
C GLU A 391 -44.83 26.20 -32.78
N SER A 392 -44.28 26.55 -31.63
CA SER A 392 -44.58 27.79 -30.91
C SER A 392 -43.27 28.45 -30.47
N ALA A 393 -43.05 29.69 -30.90
CA ALA A 393 -41.85 30.48 -30.54
C ALA A 393 -42.08 31.17 -29.19
N ALA A 394 -41.07 31.08 -28.31
CA ALA A 394 -41.01 31.91 -27.13
C ALA A 394 -39.72 32.73 -27.21
N HIS A 395 -39.42 33.53 -26.18
CA HIS A 395 -38.27 34.41 -26.22
C HIS A 395 -36.97 33.61 -26.30
N ASP A 396 -36.81 32.62 -25.43
CA ASP A 396 -35.54 31.92 -25.28
C ASP A 396 -35.51 30.57 -25.95
N TYR A 397 -36.67 30.09 -26.45
CA TYR A 397 -36.78 28.73 -26.93
C TYR A 397 -37.93 28.61 -27.94
N THR A 398 -37.88 27.53 -28.71
CA THR A 398 -38.96 27.07 -29.54
C THR A 398 -39.48 25.74 -28.99
N LEU A 399 -40.80 25.60 -28.93
CA LEU A 399 -41.45 24.34 -28.57
C LEU A 399 -41.99 23.68 -29.84
N ARG A 400 -41.69 22.38 -30.06
CA ARG A 400 -42.29 21.62 -31.16
C ARG A 400 -43.09 20.43 -30.59
N GLU A 401 -44.38 20.37 -30.95
CA GLU A 401 -45.28 19.27 -30.58
C GLU A 401 -45.17 18.17 -31.64
N LEU A 402 -44.53 17.04 -31.27
CA LEU A 402 -44.26 15.92 -32.18
C LEU A 402 -45.15 14.73 -31.80
N LYS A 403 -45.55 13.95 -32.81
CA LYS A 403 -46.25 12.68 -32.57
C LYS A 403 -45.43 11.53 -33.15
N LEU A 404 -45.05 10.64 -32.25
CA LEU A 404 -44.18 9.48 -32.49
C LEU A 404 -45.01 8.19 -32.41
N SER A 405 -44.78 7.28 -33.37
CA SER A 405 -45.43 5.98 -33.48
C SER A 405 -44.52 4.99 -34.21
N LYS A 406 -44.83 3.71 -34.06
CA LYS A 406 -44.18 2.69 -34.83
C LYS A 406 -44.98 2.48 -36.12
N VAL A 407 -44.30 2.52 -37.25
CA VAL A 407 -44.89 2.16 -38.56
C VAL A 407 -45.65 0.82 -38.44
N GLY A 408 -46.87 0.77 -38.97
CA GLY A 408 -47.70 -0.43 -38.98
C GLY A 408 -48.40 -0.72 -37.64
N GLN A 409 -48.36 0.19 -36.68
CA GLN A 409 -48.97 -0.04 -35.35
C GLN A 409 -49.60 1.28 -34.86
N GLY A 410 -50.78 1.55 -35.39
CA GLY A 410 -51.57 2.76 -35.11
C GLY A 410 -51.44 3.27 -33.68
N ASN A 411 -52.00 2.56 -32.69
CA ASN A 411 -52.24 3.24 -31.42
C ASN A 411 -51.01 3.12 -30.50
N THR A 412 -49.82 2.98 -31.07
CA THR A 412 -48.59 3.20 -30.31
C THR A 412 -48.27 4.70 -30.26
N GLU A 413 -49.05 5.56 -30.92
CA GLU A 413 -48.75 6.98 -31.02
C GLU A 413 -48.67 7.61 -29.63
N ARG A 414 -47.65 8.44 -29.38
CA ARG A 414 -47.62 9.33 -28.16
C ARG A 414 -47.09 10.72 -28.57
N THR A 415 -47.50 11.76 -27.85
CA THR A 415 -46.95 13.09 -28.06
C THR A 415 -45.58 13.21 -27.37
N VAL A 416 -44.63 13.79 -28.10
CA VAL A 416 -43.30 14.12 -27.55
C VAL A 416 -43.11 15.65 -27.69
N TRP A 417 -42.91 16.33 -26.57
CA TRP A 417 -42.75 17.78 -26.53
C TRP A 417 -41.26 18.13 -26.51
N GLN A 418 -40.81 18.81 -27.57
CA GLN A 418 -39.38 19.11 -27.78
C GLN A 418 -39.15 20.59 -27.47
N TYR A 419 -38.34 20.84 -26.45
CA TYR A 419 -38.03 22.20 -25.99
C TYR A 419 -36.62 22.57 -26.47
N HIS A 420 -36.53 23.40 -27.50
CA HIS A 420 -35.26 23.77 -28.12
C HIS A 420 -34.78 25.14 -27.61
N PHE A 421 -33.79 25.13 -26.70
CA PHE A 421 -33.22 26.36 -26.15
C PHE A 421 -32.30 27.01 -27.18
N ARG A 422 -32.51 28.31 -27.43
CA ARG A 422 -31.90 28.94 -28.62
C ARG A 422 -31.00 30.12 -28.27
N THR A 423 -30.94 30.60 -27.01
CA THR A 423 -30.23 31.87 -26.72
C THR A 423 -28.97 31.65 -25.87
N TRP A 424 -28.53 30.41 -25.66
CA TRP A 424 -27.27 30.19 -24.94
C TRP A 424 -26.14 30.82 -25.77
N PRO A 425 -25.25 31.60 -25.15
CA PRO A 425 -24.19 32.25 -25.94
C PRO A 425 -23.19 31.21 -26.51
N ASP A 426 -22.53 31.55 -27.61
CA ASP A 426 -21.57 30.64 -28.26
C ASP A 426 -20.36 30.24 -27.42
N HIS A 427 -19.91 31.15 -26.55
CA HIS A 427 -18.83 30.88 -25.58
C HIS A 427 -19.30 31.27 -24.16
N GLY A 428 -18.87 30.53 -23.14
CA GLY A 428 -19.24 30.88 -21.77
C GLY A 428 -20.70 30.54 -21.48
N VAL A 429 -21.35 31.35 -20.64
CA VAL A 429 -22.66 31.01 -20.09
C VAL A 429 -23.53 32.27 -20.10
N PRO A 430 -24.86 32.14 -19.96
CA PRO A 430 -25.74 33.33 -19.92
C PRO A 430 -25.39 34.24 -18.73
N SER A 431 -25.47 35.56 -18.92
CA SER A 431 -25.13 36.50 -17.86
C SER A 431 -26.26 36.58 -16.81
N ASP A 432 -27.48 36.19 -17.21
CA ASP A 432 -28.68 36.17 -16.33
C ASP A 432 -29.30 34.75 -16.38
N PRO A 433 -29.49 34.06 -15.22
CA PRO A 433 -30.12 32.73 -15.24
C PRO A 433 -31.66 32.67 -15.36
N GLY A 434 -32.36 33.82 -15.40
CA GLY A 434 -33.83 33.86 -15.45
C GLY A 434 -34.42 33.05 -16.60
N GLY A 435 -33.83 33.21 -17.78
CA GLY A 435 -34.28 32.52 -19.00
C GLY A 435 -34.23 31.01 -18.89
N VAL A 436 -33.12 30.51 -18.36
CA VAL A 436 -32.93 29.05 -18.15
C VAL A 436 -33.91 28.53 -17.09
N LEU A 437 -34.05 29.28 -16.02
CA LEU A 437 -34.93 28.91 -14.89
C LEU A 437 -36.41 28.88 -15.34
N ASP A 438 -36.84 29.88 -16.11
CA ASP A 438 -38.23 29.93 -16.65
C ASP A 438 -38.46 28.76 -17.61
N PHE A 439 -37.43 28.43 -18.37
CA PHE A 439 -37.44 27.29 -19.31
C PHE A 439 -37.60 25.96 -18.54
N LEU A 440 -36.79 25.70 -17.52
CA LEU A 440 -36.87 24.41 -16.78
C LEU A 440 -38.18 24.33 -15.99
N GLU A 441 -38.73 25.47 -15.58
CA GLU A 441 -40.00 25.45 -14.85
C GLU A 441 -41.10 24.92 -15.77
N GLU A 442 -41.14 25.39 -17.00
CA GLU A 442 -42.12 24.95 -17.98
C GLU A 442 -41.88 23.47 -18.35
N VAL A 443 -40.62 23.11 -18.61
CA VAL A 443 -40.26 21.71 -18.95
C VAL A 443 -40.74 20.79 -17.81
N HIS A 444 -40.56 21.24 -16.57
CA HIS A 444 -40.93 20.43 -15.39
C HIS A 444 -42.45 20.22 -15.28
N HIS A 445 -43.24 21.25 -15.54
CA HIS A 445 -44.69 21.11 -15.44
C HIS A 445 -45.25 20.24 -16.57
N LYS A 446 -44.70 20.34 -17.79
CA LYS A 446 -45.08 19.44 -18.87
C LYS A 446 -44.86 17.98 -18.44
N GLN A 447 -43.65 17.67 -17.96
CA GLN A 447 -43.29 16.30 -17.53
C GLN A 447 -44.26 15.82 -16.44
N GLU A 448 -44.51 16.62 -15.41
CA GLU A 448 -45.39 16.17 -14.31
C GLU A 448 -46.83 15.91 -14.81
N SER A 449 -47.28 16.59 -15.88
CA SER A 449 -48.69 16.51 -16.34
C SER A 449 -48.97 15.21 -17.12
N ILE A 450 -47.94 14.42 -17.42
CA ILE A 450 -48.11 13.23 -18.26
C ILE A 450 -47.86 11.98 -17.40
N MET A 451 -48.91 11.18 -17.21
CA MET A 451 -48.84 10.06 -16.27
C MET A 451 -47.84 9.04 -16.84
N ASP A 452 -46.97 8.54 -15.97
CA ASP A 452 -46.00 7.49 -16.33
C ASP A 452 -45.04 7.84 -17.47
N ALA A 453 -44.82 9.13 -17.76
CA ALA A 453 -43.80 9.54 -18.72
C ALA A 453 -42.42 8.99 -18.30
N GLY A 454 -41.58 8.64 -19.28
CA GLY A 454 -40.24 8.16 -18.99
C GLY A 454 -39.25 9.29 -18.70
N PRO A 455 -37.95 8.94 -18.70
CA PRO A 455 -36.92 9.95 -18.47
C PRO A 455 -36.97 11.09 -19.48
N VAL A 456 -36.64 12.31 -19.02
CA VAL A 456 -36.52 13.52 -19.85
C VAL A 456 -35.19 13.43 -20.61
N VAL A 457 -35.22 13.57 -21.94
CA VAL A 457 -33.99 13.50 -22.75
C VAL A 457 -33.38 14.91 -22.81
N VAL A 458 -32.08 15.02 -22.52
CA VAL A 458 -31.33 16.30 -22.56
C VAL A 458 -30.09 16.13 -23.46
N HIS A 459 -29.96 16.93 -24.55
CA HIS A 459 -28.93 16.62 -25.56
C HIS A 459 -28.51 17.80 -26.44
N CYS A 460 -27.48 17.47 -27.25
CA CYS A 460 -26.81 18.22 -28.33
C CYS A 460 -25.28 18.23 -28.06
N SER A 461 -24.50 18.79 -28.98
CA SER A 461 -23.06 18.82 -28.88
C SER A 461 -22.57 17.42 -28.49
N ALA A 462 -21.62 17.32 -27.55
CA ALA A 462 -21.14 16.01 -27.07
C ALA A 462 -22.03 15.50 -25.93
N GLY A 463 -23.00 16.31 -25.47
CA GLY A 463 -23.89 15.93 -24.37
C GLY A 463 -23.23 15.82 -22.98
N ILE A 464 -22.26 16.68 -22.65
CA ILE A 464 -21.64 16.68 -21.28
C ILE A 464 -21.62 18.07 -20.63
N GLY A 465 -21.40 19.15 -21.39
CA GLY A 465 -21.22 20.51 -20.85
C GLY A 465 -22.51 21.21 -20.45
N ARG A 466 -23.22 21.73 -21.47
CA ARG A 466 -24.51 22.40 -21.29
C ARG A 466 -25.51 21.38 -20.70
N THR A 467 -25.47 20.17 -21.26
CA THR A 467 -26.35 19.07 -20.87
C THR A 467 -26.18 18.75 -19.37
N GLY A 468 -24.94 18.60 -18.92
CA GLY A 468 -24.70 18.43 -17.49
C GLY A 468 -25.19 19.63 -16.69
N THR A 469 -25.00 20.84 -17.22
CA THR A 469 -25.36 22.06 -16.48
C THR A 469 -26.88 22.13 -16.29
N PHE A 470 -27.64 21.94 -17.37
CA PHE A 470 -29.11 21.90 -17.29
C PHE A 470 -29.59 20.80 -16.31
N ILE A 471 -29.07 19.58 -16.41
CA ILE A 471 -29.54 18.48 -15.56
C ILE A 471 -29.27 18.80 -14.07
N VAL A 472 -28.07 19.26 -13.73
CA VAL A 472 -27.73 19.54 -12.30
C VAL A 472 -28.64 20.65 -11.71
N ILE A 473 -28.82 21.75 -12.43
CA ILE A 473 -29.72 22.78 -12.01
C ILE A 473 -31.10 22.19 -11.75
N ASP A 474 -31.60 21.37 -12.70
CA ASP A 474 -32.92 20.79 -12.60
C ASP A 474 -33.08 19.92 -11.35
N ILE A 475 -32.06 19.11 -11.03
CA ILE A 475 -32.05 18.28 -9.81
C ILE A 475 -32.18 19.17 -8.58
N LEU A 476 -31.37 20.22 -8.51
CA LEU A 476 -31.27 21.06 -7.30
C LEU A 476 -32.57 21.87 -7.09
N ILE A 477 -33.15 22.43 -8.16
CA ILE A 477 -34.34 23.27 -7.97
C ILE A 477 -35.53 22.35 -7.62
N ASP A 478 -35.49 21.10 -8.08
CA ASP A 478 -36.52 20.12 -7.75
C ASP A 478 -36.64 19.89 -6.25
N ILE A 479 -35.50 19.73 -5.59
CA ILE A 479 -35.47 19.55 -4.14
C ILE A 479 -36.14 20.79 -3.51
N ILE A 480 -35.69 21.98 -3.89
CA ILE A 480 -36.21 23.24 -3.31
C ILE A 480 -37.71 23.37 -3.61
N ARG A 481 -38.16 22.97 -4.78
CA ARG A 481 -39.60 23.09 -5.12
C ARG A 481 -40.45 22.20 -4.20
N GLU A 482 -40.00 20.98 -3.91
CA GLU A 482 -40.77 19.99 -3.13
C GLU A 482 -40.70 20.28 -1.63
N LYS A 483 -39.57 20.83 -1.15
CA LYS A 483 -39.35 20.99 0.30
C LYS A 483 -39.52 22.45 0.72
N GLY A 484 -38.72 23.34 0.11
CA GLY A 484 -38.65 24.74 0.48
C GLY A 484 -37.26 25.09 0.97
N VAL A 485 -37.17 26.11 1.83
CA VAL A 485 -35.87 26.52 2.35
C VAL A 485 -35.33 25.43 3.28
N ASP A 486 -36.19 24.76 4.03
CA ASP A 486 -35.76 23.75 5.01
C ASP A 486 -35.27 22.45 4.35
N CYS A 487 -34.23 22.57 3.53
CA CYS A 487 -33.66 21.43 2.80
C CYS A 487 -32.15 21.65 2.63
N ASP A 488 -31.35 20.61 2.87
CA ASP A 488 -29.92 20.69 2.60
C ASP A 488 -29.64 20.41 1.12
N ILE A 489 -28.98 21.34 0.44
CA ILE A 489 -28.30 21.05 -0.82
C ILE A 489 -26.76 21.07 -0.63
N ASP A 490 -26.10 20.32 -1.55
CA ASP A 490 -24.66 20.10 -1.66
C ASP A 490 -24.22 20.01 -3.16
N VAL A 491 -23.76 21.14 -3.71
CA VAL A 491 -23.56 21.29 -5.16
C VAL A 491 -22.41 20.38 -5.65
N PRO A 492 -21.21 20.44 -5.02
CA PRO A 492 -20.13 19.61 -5.57
C PRO A 492 -20.41 18.11 -5.38
N LYS A 493 -21.04 17.71 -4.27
CA LYS A 493 -21.39 16.31 -4.06
C LYS A 493 -22.38 15.83 -5.13
N THR A 494 -23.35 16.68 -5.51
CA THR A 494 -24.38 16.36 -6.51
C THR A 494 -23.72 16.15 -7.87
N ILE A 495 -22.79 17.03 -8.25
CA ILE A 495 -22.12 16.92 -9.53
C ILE A 495 -21.28 15.63 -9.59
N GLN A 496 -20.57 15.31 -8.51
CA GLN A 496 -19.75 14.09 -8.46
C GLN A 496 -20.63 12.85 -8.71
N MET A 497 -21.84 12.84 -8.15
CA MET A 497 -22.78 11.74 -8.31
C MET A 497 -23.25 11.64 -9.78
N VAL A 498 -23.39 12.75 -10.47
CA VAL A 498 -23.86 12.69 -11.89
C VAL A 498 -22.69 12.38 -12.85
N ARG A 499 -21.46 12.84 -12.50
CA ARG A 499 -20.19 12.51 -13.21
C ARG A 499 -19.86 11.00 -13.07
N SER A 500 -20.36 10.31 -12.04
CA SER A 500 -20.23 8.85 -11.96
C SER A 500 -21.20 8.13 -12.92
N GLN A 501 -22.13 8.86 -13.56
CA GLN A 501 -23.07 8.16 -14.50
C GLN A 501 -22.82 8.57 -15.96
N ARG A 502 -22.09 9.65 -16.21
CA ARG A 502 -21.63 10.03 -17.58
C ARG A 502 -20.39 10.92 -17.46
N SER A 503 -19.39 10.68 -18.32
CA SER A 503 -18.10 11.36 -18.18
C SER A 503 -18.24 12.87 -18.29
N GLY A 504 -17.69 13.61 -17.32
CA GLY A 504 -17.37 15.01 -17.56
C GLY A 504 -18.58 15.93 -17.48
N MET A 505 -19.65 15.43 -16.92
CA MET A 505 -20.86 16.23 -16.75
C MET A 505 -20.54 17.50 -15.94
N VAL A 506 -20.77 18.67 -16.56
CA VAL A 506 -20.37 20.02 -16.13
C VAL A 506 -18.87 20.19 -16.40
N GLN A 507 -18.52 21.05 -17.36
CA GLN A 507 -17.19 21.11 -17.99
C GLN A 507 -16.32 22.25 -17.42
N THR A 508 -16.93 23.36 -16.99
CA THR A 508 -16.14 24.55 -16.69
C THR A 508 -16.57 25.23 -15.38
N GLU A 509 -15.67 26.07 -14.91
CA GLU A 509 -15.83 26.88 -13.71
C GLU A 509 -16.92 27.94 -13.93
N ALA A 510 -17.07 28.39 -15.18
CA ALA A 510 -18.15 29.31 -15.52
C ALA A 510 -19.51 28.58 -15.35
N GLN A 511 -19.57 27.33 -15.76
CA GLN A 511 -20.81 26.56 -15.61
C GLN A 511 -21.08 26.29 -14.13
N TYR A 512 -20.00 26.03 -13.39
CA TYR A 512 -20.11 25.70 -11.97
C TYR A 512 -20.70 26.88 -11.20
N ARG A 513 -20.14 28.08 -11.42
CA ARG A 513 -20.66 29.35 -10.85
C ARG A 513 -22.11 29.62 -11.32
N PHE A 514 -22.41 29.31 -12.60
CA PHE A 514 -23.74 29.52 -13.15
C PHE A 514 -24.77 28.72 -12.33
N ILE A 515 -24.41 27.50 -11.93
CA ILE A 515 -25.32 26.62 -11.21
C ILE A 515 -25.66 27.24 -9.84
N TYR A 516 -24.65 27.75 -9.12
CA TYR A 516 -24.88 28.45 -7.85
C TYR A 516 -25.76 29.69 -8.06
N MET A 517 -25.49 30.45 -9.15
CA MET A 517 -26.26 31.68 -9.44
C MET A 517 -27.73 31.32 -9.73
N ALA A 518 -27.97 30.23 -10.45
CA ALA A 518 -29.33 29.78 -10.81
C ALA A 518 -30.11 29.37 -9.56
N VAL A 519 -29.46 28.61 -8.68
CA VAL A 519 -30.07 28.21 -7.39
C VAL A 519 -30.39 29.48 -6.57
N GLN A 520 -29.46 30.42 -6.51
CA GLN A 520 -29.70 31.67 -5.76
C GLN A 520 -30.92 32.43 -6.32
N HIS A 521 -31.00 32.51 -7.65
CA HIS A 521 -32.07 33.27 -8.32
C HIS A 521 -33.42 32.60 -8.05
N TYR A 522 -33.47 31.28 -8.19
CA TYR A 522 -34.69 30.50 -7.96
C TYR A 522 -35.19 30.70 -6.52
N ILE A 523 -34.30 30.64 -5.54
CA ILE A 523 -34.68 30.83 -4.12
C ILE A 523 -35.27 32.24 -3.95
N GLU A 524 -34.63 33.24 -4.53
CA GLU A 524 -35.01 34.66 -4.31
C GLU A 524 -36.33 35.00 -5.02
N THR A 525 -36.74 34.21 -6.01
CA THR A 525 -38.04 34.45 -6.66
C THR A 525 -39.16 33.79 -5.85
N LEU A 526 -38.88 32.64 -5.24
CA LEU A 526 -39.87 31.98 -4.36
C LEU A 526 -39.98 32.76 -3.03
N GLN A 527 -38.86 33.34 -2.57
CA GLN A 527 -38.83 34.21 -1.37
C GLN A 527 -39.55 35.54 -1.65
N ARG A 528 -39.96 35.81 -2.90
CA ARG A 528 -40.84 36.94 -3.19
C ARG A 528 -42.28 36.46 -3.37
N ARG A 529 -42.53 35.16 -3.19
CA ARG A 529 -43.80 34.56 -3.58
C ARG A 529 -44.77 34.54 -2.39
N SER B 4 10.69 -4.32 7.46
CA SER B 4 11.49 -3.97 6.25
C SER B 4 12.99 -3.98 6.56
N ARG B 5 13.39 -3.39 7.70
CA ARG B 5 14.80 -3.36 8.20
C ARG B 5 15.67 -2.60 7.21
N ARG B 6 15.13 -1.48 6.76
CA ARG B 6 15.78 -0.58 5.83
C ARG B 6 16.90 0.19 6.56
N TRP B 7 16.80 0.31 7.89
CA TRP B 7 17.67 1.19 8.68
C TRP B 7 19.06 0.56 8.90
N PHE B 8 19.29 -0.69 8.49
CA PHE B 8 20.62 -1.26 8.58
C PHE B 8 21.36 -1.07 7.25
N HIS B 9 22.54 -0.45 7.30
CA HIS B 9 23.35 -0.16 6.10
C HIS B 9 24.59 -1.06 6.12
N PRO B 10 24.65 -2.06 5.20
CA PRO B 10 25.68 -3.11 5.30
C PRO B 10 27.09 -2.70 4.83
N ASN B 11 27.20 -1.71 3.95
CA ASN B 11 28.46 -1.39 3.27
C ASN B 11 28.98 0.02 3.63
N ILE B 12 28.22 0.81 4.38
CA ILE B 12 28.56 2.21 4.62
C ILE B 12 29.74 2.30 5.60
N THR B 13 30.54 3.35 5.45
CA THR B 13 31.59 3.74 6.42
C THR B 13 31.04 4.75 7.42
N GLY B 14 31.77 4.96 8.51
CA GLY B 14 31.41 5.92 9.55
C GLY B 14 31.28 7.34 9.03
N VAL B 15 32.29 7.83 8.31
CA VAL B 15 32.25 9.19 7.74
C VAL B 15 31.05 9.28 6.77
N GLU B 16 30.76 8.20 6.06
CA GLU B 16 29.61 8.17 5.16
C GLU B 16 28.29 8.21 5.95
N ALA B 17 28.20 7.41 7.00
CA ALA B 17 26.99 7.40 7.84
C ALA B 17 26.69 8.82 8.36
N GLU B 18 27.72 9.47 8.88
CA GLU B 18 27.57 10.82 9.40
C GLU B 18 26.97 11.74 8.32
N ASN B 19 27.59 11.73 7.15
CA ASN B 19 27.20 12.64 6.05
C ASN B 19 25.72 12.45 5.71
N LEU B 20 25.30 11.19 5.66
CA LEU B 20 23.89 10.85 5.38
C LEU B 20 22.98 11.49 6.44
N LEU B 21 23.34 11.36 7.72
CA LEU B 21 22.46 11.86 8.79
C LEU B 21 22.42 13.40 8.76
N LEU B 22 23.49 14.05 8.32
CA LEU B 22 23.55 15.52 8.31
C LEU B 22 22.85 16.08 7.05
N THR B 23 22.91 15.38 5.92
CA THR B 23 22.34 15.91 4.66
C THR B 23 20.91 15.40 4.44
N ARG B 24 20.61 14.15 4.79
CA ARG B 24 19.30 13.56 4.49
C ARG B 24 18.47 13.33 5.77
N GLY B 25 19.05 13.59 6.94
CA GLY B 25 18.35 13.32 8.19
C GLY B 25 18.07 14.61 8.96
N VAL B 26 17.30 14.47 10.03
CA VAL B 26 17.03 15.56 10.98
C VAL B 26 17.31 15.03 12.39
N ASP B 27 17.11 15.83 13.44
CA ASP B 27 17.33 15.34 14.80
C ASP B 27 16.33 14.24 15.14
N GLY B 28 16.84 13.15 15.70
CA GLY B 28 16.09 11.91 15.95
C GLY B 28 16.30 10.87 14.87
N SER B 29 16.93 11.21 13.74
CA SER B 29 17.24 10.20 12.70
C SER B 29 18.40 9.30 13.17
N PHE B 30 18.37 8.04 12.72
CA PHE B 30 19.37 7.04 13.11
C PHE B 30 19.52 5.98 12.02
N LEU B 31 20.63 5.24 12.10
CA LEU B 31 20.84 4.02 11.37
C LEU B 31 21.83 3.11 12.15
N ALA B 32 21.88 1.85 11.75
CA ALA B 32 22.87 0.89 12.28
C ALA B 32 23.71 0.30 11.14
N ARG B 33 24.96 -0.05 11.45
CA ARG B 33 25.91 -0.49 10.45
C ARG B 33 26.92 -1.47 11.10
N PRO B 34 27.55 -2.33 10.28
CA PRO B 34 28.62 -3.19 10.71
C PRO B 34 29.85 -2.34 11.04
N SER B 35 30.51 -2.66 12.14
CA SER B 35 31.73 -1.98 12.51
C SER B 35 32.88 -2.55 11.68
N LYS B 36 33.75 -1.65 11.21
CA LYS B 36 34.94 -2.06 10.47
C LYS B 36 36.18 -1.94 11.37
N SER B 37 36.13 -1.03 12.33
CA SER B 37 37.15 -0.92 13.39
C SER B 37 37.23 -2.23 14.18
N ASN B 38 36.10 -2.65 14.75
CA ASN B 38 35.98 -3.88 15.54
C ASN B 38 35.07 -4.89 14.81
N PRO B 39 35.63 -5.66 13.84
CA PRO B 39 34.77 -6.56 13.05
C PRO B 39 34.15 -7.65 13.93
N GLY B 40 32.90 -7.99 13.66
CA GLY B 40 32.09 -8.82 14.53
C GLY B 40 31.20 -7.98 15.45
N ASP B 41 31.38 -6.66 15.43
CA ASP B 41 30.59 -5.71 16.22
C ASP B 41 29.73 -4.85 15.29
N PHE B 42 28.97 -3.92 15.88
CA PHE B 42 28.10 -2.99 15.13
C PHE B 42 28.09 -1.61 15.80
N THR B 43 27.54 -0.63 15.09
CA THR B 43 27.45 0.76 15.56
C THR B 43 26.06 1.34 15.26
N LEU B 44 25.49 2.00 16.27
CA LEU B 44 24.23 2.77 16.14
C LEU B 44 24.58 4.26 16.02
N SER B 45 24.31 4.84 14.83
CA SER B 45 24.63 6.26 14.57
C SER B 45 23.36 7.10 14.60
N VAL B 46 23.39 8.20 15.36
CA VAL B 46 22.20 8.94 15.77
C VAL B 46 22.49 10.42 15.66
N ARG B 47 21.57 11.20 15.06
CA ARG B 47 21.69 12.65 14.97
C ARG B 47 20.96 13.32 16.15
N ARG B 48 21.60 14.34 16.73
CA ARG B 48 21.00 15.15 17.80
C ARG B 48 21.76 16.47 17.90
N ASN B 49 21.02 17.57 17.98
CA ASN B 49 21.55 18.94 18.07
C ASN B 49 22.40 19.29 16.84
N GLY B 50 22.13 18.64 15.70
CA GLY B 50 22.85 18.92 14.45
C GLY B 50 24.21 18.25 14.37
N ALA B 51 24.51 17.36 15.32
CA ALA B 51 25.76 16.56 15.30
C ALA B 51 25.42 15.08 15.46
N VAL B 52 26.38 14.20 15.12
CA VAL B 52 26.15 12.76 15.09
C VAL B 52 26.94 12.09 16.22
N THR B 53 26.27 11.25 17.01
CA THR B 53 26.90 10.43 18.02
C THR B 53 26.93 8.97 17.52
N HIS B 54 27.97 8.22 17.86
CA HIS B 54 28.04 6.80 17.50
C HIS B 54 28.08 5.98 18.79
N ILE B 55 27.27 4.91 18.83
CA ILE B 55 27.13 4.08 20.02
C ILE B 55 27.46 2.64 19.62
N LYS B 56 28.42 2.05 20.33
CA LYS B 56 28.95 0.71 20.03
C LYS B 56 27.99 -0.38 20.53
N ILE B 57 27.83 -1.41 19.71
CA ILE B 57 27.08 -2.62 20.02
C ILE B 57 28.02 -3.82 19.79
N GLN B 58 28.27 -4.60 20.84
CA GLN B 58 29.19 -5.73 20.75
C GLN B 58 28.38 -7.03 20.73
N ASN B 59 28.84 -8.04 19.98
CA ASN B 59 28.25 -9.37 20.06
C ASN B 59 29.39 -10.40 20.06
N THR B 60 29.67 -10.95 21.21
CA THR B 60 30.77 -11.91 21.34
C THR B 60 30.25 -13.33 21.05
N GLY B 61 28.95 -13.49 20.86
CA GLY B 61 28.42 -14.83 20.61
C GLY B 61 27.18 -15.11 21.42
N ASP B 62 26.91 -14.35 22.48
CA ASP B 62 25.77 -14.67 23.38
C ASP B 62 24.56 -13.72 23.34
N TYR B 63 24.78 -12.47 22.94
CA TYR B 63 23.71 -11.43 22.82
C TYR B 63 24.34 -10.15 22.27
N TYR B 64 23.49 -9.25 21.80
CA TYR B 64 23.93 -7.92 21.43
C TYR B 64 23.99 -7.06 22.71
N ASP B 65 25.12 -6.38 22.94
CA ASP B 65 25.32 -5.59 24.14
C ASP B 65 25.51 -4.13 23.73
N LEU B 66 24.47 -3.32 23.89
CA LEU B 66 24.54 -1.88 23.56
C LEU B 66 25.28 -1.16 24.69
N TYR B 67 26.33 -0.42 24.37
CA TYR B 67 27.17 0.21 25.39
C TYR B 67 26.37 1.34 26.09
N GLY B 68 26.27 1.26 27.41
CA GLY B 68 25.53 2.24 28.20
C GLY B 68 24.03 1.98 28.18
N GLY B 69 23.62 0.88 27.56
CA GLY B 69 22.21 0.44 27.44
C GLY B 69 22.03 -1.03 27.84
N GLU B 70 21.01 -1.67 27.28
CA GLU B 70 20.61 -3.04 27.67
C GLU B 70 21.12 -4.06 26.64
N LYS B 71 20.84 -5.33 26.91
CA LYS B 71 21.21 -6.47 26.06
C LYS B 71 19.96 -7.02 25.35
N PHE B 72 20.15 -7.45 24.10
CA PHE B 72 19.06 -7.76 23.15
C PHE B 72 19.37 -9.03 22.36
N ALA B 73 18.32 -9.69 21.85
CA ALA B 73 18.46 -10.92 21.05
C ALA B 73 18.66 -10.64 19.55
N THR B 74 18.20 -9.50 19.02
CA THR B 74 18.42 -9.10 17.62
C THR B 74 18.47 -7.57 17.52
N LEU B 75 19.12 -7.04 16.48
CA LEU B 75 19.15 -5.60 16.23
C LEU B 75 17.71 -5.07 16.05
N ALA B 76 16.82 -5.85 15.48
CA ALA B 76 15.45 -5.36 15.24
C ALA B 76 14.68 -5.26 16.56
N GLU B 77 14.88 -6.24 17.47
CA GLU B 77 14.20 -6.17 18.78
C GLU B 77 14.73 -4.98 19.57
N LEU B 78 16.02 -4.65 19.36
CA LEU B 78 16.68 -3.45 19.99
C LEU B 78 16.01 -2.14 19.52
N VAL B 79 15.91 -2.02 18.20
CA VAL B 79 15.33 -0.79 17.61
C VAL B 79 13.87 -0.66 18.07
N GLN B 80 13.11 -1.76 18.02
CA GLN B 80 11.70 -1.73 18.43
C GLN B 80 11.56 -1.22 19.87
N TYR B 81 12.49 -1.63 20.72
CA TYR B 81 12.46 -1.36 22.17
C TYR B 81 12.67 0.14 22.44
N TYR B 82 13.68 0.72 21.83
CA TYR B 82 13.99 2.13 22.06
C TYR B 82 13.06 3.04 21.26
N MET B 83 12.42 2.54 20.19
CA MET B 83 11.42 3.38 19.46
C MET B 83 10.10 3.47 20.24
N GLU B 84 9.90 2.59 21.23
CA GLU B 84 8.73 2.67 22.13
C GLU B 84 9.14 3.21 23.52
N HIS B 85 10.40 3.11 23.93
CA HIS B 85 10.85 3.53 25.28
C HIS B 85 11.76 4.77 25.21
N HIS B 86 11.13 5.88 24.82
CA HIS B 86 11.70 7.23 24.93
C HIS B 86 12.31 7.45 26.32
N GLY B 87 13.43 8.17 26.39
CA GLY B 87 14.13 8.41 27.66
C GLY B 87 15.06 7.28 28.08
N GLN B 88 14.76 6.04 27.67
CA GLN B 88 15.48 4.87 28.20
C GLN B 88 16.91 4.82 27.67
N LEU B 89 17.17 5.22 26.43
CA LEU B 89 18.55 5.19 25.91
C LEU B 89 19.28 6.47 26.34
N LYS B 90 20.49 6.27 26.89
CA LYS B 90 21.41 7.36 27.26
C LYS B 90 22.76 7.11 26.58
N GLY B 94 25.41 10.93 30.32
CA GLY B 94 24.17 10.14 30.44
C GLY B 94 22.95 10.91 29.94
N ASP B 95 23.16 11.85 29.03
CA ASP B 95 22.04 12.54 28.38
C ASP B 95 21.23 11.53 27.58
N VAL B 96 19.93 11.78 27.45
CA VAL B 96 19.05 10.81 26.76
C VAL B 96 19.17 11.04 25.25
N ILE B 97 18.92 9.96 24.51
CA ILE B 97 19.10 9.90 23.07
C ILE B 97 17.83 9.29 22.49
N GLU B 98 17.12 10.05 21.64
CA GLU B 98 15.85 9.59 21.08
C GLU B 98 16.12 8.96 19.70
N LEU B 99 15.64 7.73 19.51
CA LEU B 99 15.57 7.06 18.20
C LEU B 99 14.16 7.28 17.64
N LYS B 100 14.04 8.20 16.67
CA LYS B 100 12.76 8.62 16.11
C LYS B 100 12.58 8.18 14.65
N TYR B 101 13.50 8.60 13.79
CA TYR B 101 13.31 8.47 12.35
C TYR B 101 14.39 7.60 11.71
N PRO B 102 14.09 6.32 11.41
CA PRO B 102 15.04 5.48 10.66
C PRO B 102 15.44 6.10 9.31
N LEU B 103 16.73 6.13 9.03
CA LEU B 103 17.27 6.59 7.75
C LEU B 103 17.41 5.37 6.85
N ASN B 104 16.60 5.28 5.79
CA ASN B 104 16.45 4.03 5.02
C ASN B 104 17.56 3.91 3.98
N CYS B 105 18.01 2.68 3.82
CA CYS B 105 19.13 2.31 2.96
C CYS B 105 18.60 2.04 1.54
N ALA B 106 19.28 2.54 0.51
CA ALA B 106 18.85 2.35 -0.90
C ALA B 106 19.53 1.12 -1.52
N ASP B 107 20.71 0.79 -1.01
CA ASP B 107 21.53 -0.35 -1.45
C ASP B 107 20.73 -1.66 -1.32
N PRO B 108 20.60 -2.43 -2.42
CA PRO B 108 19.87 -3.71 -2.39
C PRO B 108 20.75 -4.96 -2.18
N THR B 109 21.98 -4.84 -1.69
CA THR B 109 22.94 -5.96 -1.73
C THR B 109 22.46 -7.13 -0.85
N SER B 110 21.62 -6.92 0.17
CA SER B 110 21.28 -8.04 1.10
C SER B 110 19.84 -8.53 0.92
N GLU B 111 19.15 -8.15 -0.15
CA GLU B 111 17.82 -8.70 -0.42
C GLU B 111 17.94 -10.11 -0.98
N ARG B 112 16.99 -10.97 -0.60
CA ARG B 112 16.93 -12.37 -1.04
C ARG B 112 16.75 -12.45 -2.56
N TRP B 113 16.10 -11.44 -3.16
CA TRP B 113 15.74 -11.50 -4.60
C TRP B 113 16.85 -10.87 -5.44
N PHE B 114 17.85 -10.28 -4.81
CA PHE B 114 18.94 -9.61 -5.52
C PHE B 114 20.07 -10.63 -5.81
N HIS B 115 20.25 -10.90 -7.10
CA HIS B 115 21.27 -11.79 -7.57
C HIS B 115 22.15 -11.02 -8.56
N GLY B 116 22.92 -10.08 -8.03
CA GLY B 116 23.53 -9.00 -8.81
C GLY B 116 24.31 -9.49 -10.03
N HIS B 117 25.10 -10.54 -9.85
CA HIS B 117 26.13 -10.92 -10.83
C HIS B 117 25.52 -11.60 -12.07
N LEU B 118 24.38 -12.28 -11.93
CA LEU B 118 23.88 -13.23 -12.96
C LEU B 118 23.72 -12.52 -14.31
N SER B 119 23.67 -13.32 -15.38
CA SER B 119 23.33 -12.82 -16.72
C SER B 119 22.06 -13.53 -17.23
N GLY B 120 21.73 -13.32 -18.50
CA GLY B 120 20.40 -13.65 -19.07
C GLY B 120 20.07 -15.13 -19.02
N LYS B 121 20.89 -15.97 -19.66
CA LYS B 121 20.58 -17.40 -19.76
C LYS B 121 20.94 -18.11 -18.45
N GLU B 122 21.93 -17.61 -17.71
CA GLU B 122 22.27 -18.17 -16.40
C GLU B 122 21.07 -18.07 -15.45
N ALA B 123 20.42 -16.90 -15.42
CA ALA B 123 19.17 -16.69 -14.66
C ALA B 123 18.02 -17.49 -15.28
N GLU B 124 18.11 -17.81 -16.57
CA GLU B 124 17.08 -18.65 -17.21
C GLU B 124 17.28 -20.09 -16.71
N LYS B 125 18.54 -20.54 -16.62
CA LYS B 125 18.83 -21.92 -16.20
C LYS B 125 18.40 -22.11 -14.73
N LEU B 126 18.82 -21.21 -13.84
CA LEU B 126 18.46 -21.28 -12.41
C LEU B 126 16.93 -21.30 -12.26
N LEU B 127 16.22 -20.36 -12.91
CA LEU B 127 14.76 -20.32 -12.75
C LEU B 127 14.14 -21.59 -13.34
N THR B 128 14.71 -22.13 -14.41
CA THR B 128 14.23 -23.40 -14.99
C THR B 128 14.52 -24.59 -14.05
N GLU B 129 15.71 -24.61 -13.44
CA GLU B 129 16.17 -25.80 -12.70
C GLU B 129 15.63 -25.78 -11.26
N LYS B 130 15.63 -24.61 -10.61
CA LYS B 130 15.40 -24.49 -9.17
C LYS B 130 14.08 -23.77 -8.83
N GLY B 131 13.36 -23.22 -9.81
CA GLY B 131 12.21 -22.34 -9.53
C GLY B 131 10.86 -22.97 -9.86
N LYS B 132 9.79 -22.32 -9.41
CA LYS B 132 8.41 -22.69 -9.75
C LYS B 132 7.64 -21.41 -10.11
N HIS B 133 6.31 -21.49 -10.20
CA HIS B 133 5.51 -20.31 -10.51
C HIS B 133 5.84 -19.18 -9.51
N GLY B 134 5.99 -17.99 -10.04
CA GLY B 134 6.11 -16.78 -9.22
C GLY B 134 7.51 -16.60 -8.64
N SER B 135 8.47 -17.44 -8.99
CA SER B 135 9.87 -17.24 -8.56
C SER B 135 10.51 -16.18 -9.45
N PHE B 136 11.21 -15.24 -8.82
CA PHE B 136 11.81 -14.12 -9.53
C PHE B 136 13.17 -13.78 -8.92
N LEU B 137 13.86 -12.89 -9.62
CA LEU B 137 15.11 -12.30 -9.20
C LEU B 137 15.33 -10.97 -9.93
N VAL B 138 16.29 -10.20 -9.43
CA VAL B 138 16.76 -8.99 -10.09
C VAL B 138 18.27 -9.13 -10.27
N ARG B 139 18.75 -8.70 -11.43
CA ARG B 139 20.16 -8.83 -11.83
C ARG B 139 20.61 -7.53 -12.52
N GLU B 140 21.91 -7.24 -12.41
CA GLU B 140 22.54 -6.09 -13.10
C GLU B 140 22.60 -6.37 -14.60
N SER B 141 22.16 -5.40 -15.41
CA SER B 141 22.10 -5.54 -16.86
C SER B 141 23.51 -5.68 -17.44
N GLN B 142 23.59 -6.42 -18.54
CA GLN B 142 24.85 -6.68 -19.23
C GLN B 142 25.05 -5.68 -20.38
N SER B 143 23.98 -5.40 -21.12
CA SER B 143 24.05 -4.55 -22.31
C SER B 143 23.72 -3.07 -22.00
N HIS B 144 23.29 -2.78 -20.77
CA HIS B 144 22.97 -1.40 -20.39
C HIS B 144 23.45 -1.17 -18.94
N PRO B 145 24.69 -0.67 -18.76
CA PRO B 145 25.26 -0.56 -17.40
C PRO B 145 24.53 0.47 -16.51
N GLY B 146 24.38 0.14 -15.23
CA GLY B 146 23.61 0.97 -14.28
C GLY B 146 22.15 0.55 -14.21
N ASP B 147 21.65 -0.08 -15.28
CA ASP B 147 20.30 -0.60 -15.35
C ASP B 147 20.23 -2.04 -14.80
N PHE B 148 19.01 -2.55 -14.67
CA PHE B 148 18.78 -3.81 -14.00
C PHE B 148 17.71 -4.61 -14.76
N VAL B 149 17.60 -5.90 -14.47
CA VAL B 149 16.62 -6.77 -15.13
C VAL B 149 15.85 -7.55 -14.06
N LEU B 150 14.54 -7.71 -14.25
CA LEU B 150 13.71 -8.52 -13.36
C LEU B 150 13.30 -9.78 -14.13
N SER B 151 13.74 -10.93 -13.63
CA SER B 151 13.42 -12.19 -14.29
C SER B 151 12.39 -12.95 -13.44
N VAL B 152 11.31 -13.40 -14.07
CA VAL B 152 10.12 -13.92 -13.39
C VAL B 152 9.73 -15.22 -14.09
N ARG B 153 9.50 -16.27 -13.30
CA ARG B 153 8.97 -17.54 -13.81
C ARG B 153 7.45 -17.56 -13.60
N THR B 154 6.71 -17.94 -14.62
CA THR B 154 5.27 -18.13 -14.51
C THR B 154 4.90 -19.46 -15.17
N GLY B 155 3.86 -20.11 -14.65
CA GLY B 155 3.30 -21.30 -15.28
C GLY B 155 2.49 -22.15 -14.33
N ASP B 156 2.65 -23.46 -14.47
CA ASP B 156 1.92 -24.45 -13.70
C ASP B 156 2.62 -24.72 -12.37
N SER B 161 9.02 -32.23 -17.10
CA SER B 161 7.94 -32.07 -18.07
C SER B 161 7.98 -30.65 -18.66
N ASN B 162 8.98 -30.38 -19.49
CA ASN B 162 9.13 -29.09 -20.16
C ASN B 162 8.18 -29.07 -21.38
N ASP B 163 6.90 -28.82 -21.10
CA ASP B 163 5.84 -28.90 -22.11
C ASP B 163 5.29 -27.52 -22.53
N GLY B 164 6.03 -26.45 -22.24
CA GLY B 164 5.69 -25.10 -22.71
C GLY B 164 4.66 -24.40 -21.84
N LYS B 165 4.24 -25.04 -20.76
CA LYS B 165 3.25 -24.47 -19.84
C LYS B 165 3.93 -23.56 -18.81
N SER B 166 5.26 -23.47 -18.85
CA SER B 166 6.01 -22.53 -18.02
C SER B 166 6.86 -21.63 -18.91
N LYS B 167 7.17 -20.43 -18.42
CA LYS B 167 8.03 -19.49 -19.16
C LYS B 167 8.78 -18.58 -18.18
N VAL B 168 9.93 -18.11 -18.64
CA VAL B 168 10.65 -17.03 -17.96
C VAL B 168 10.41 -15.75 -18.76
N THR B 169 10.10 -14.65 -18.09
CA THR B 169 9.99 -13.35 -18.77
C THR B 169 10.99 -12.40 -18.10
N HIS B 170 11.59 -11.55 -18.92
CA HIS B 170 12.59 -10.56 -18.49
C HIS B 170 11.99 -9.15 -18.59
N VAL B 171 12.22 -8.31 -17.60
CA VAL B 171 11.68 -6.93 -17.62
C VAL B 171 12.82 -5.95 -17.35
N MET B 172 13.06 -5.03 -18.29
CA MET B 172 14.14 -4.04 -18.17
CA MET B 172 14.16 -4.06 -18.15
C MET B 172 13.75 -3.00 -17.12
N ILE B 173 14.67 -2.74 -16.19
CA ILE B 173 14.51 -1.69 -15.18
C ILE B 173 15.53 -0.59 -15.49
N ARG B 174 15.04 0.59 -15.86
CA ARG B 174 15.93 1.68 -16.21
C ARG B 174 16.35 2.41 -14.93
N CYS B 175 17.59 2.87 -14.93
CA CYS B 175 18.06 3.78 -13.92
C CYS B 175 18.20 5.17 -14.54
N GLN B 176 17.34 6.10 -14.12
CA GLN B 176 17.34 7.46 -14.67
C GLN B 176 17.41 8.45 -13.50
N GLU B 177 18.47 9.25 -13.47
CA GLU B 177 18.76 10.17 -12.37
C GLU B 177 18.59 9.47 -11.00
N LEU B 178 19.08 8.24 -10.91
CA LEU B 178 19.04 7.43 -9.66
C LEU B 178 17.60 7.31 -9.13
N LYS B 179 16.64 7.27 -10.04
CA LYS B 179 15.34 6.68 -9.75
C LYS B 179 15.13 5.51 -10.72
N TYR B 180 14.33 4.53 -10.32
CA TYR B 180 14.20 3.30 -11.10
C TYR B 180 12.77 3.19 -11.65
N ASP B 181 12.65 2.66 -12.87
CA ASP B 181 11.34 2.37 -13.45
C ASP B 181 11.39 1.21 -14.46
N VAL B 182 10.16 0.81 -14.94
CA VAL B 182 10.01 -0.26 -15.95
C VAL B 182 9.51 0.32 -17.28
N GLY B 183 9.88 1.56 -17.60
CA GLY B 183 9.55 2.15 -18.90
C GLY B 183 8.33 3.05 -18.86
N GLY B 184 7.58 3.06 -17.76
CA GLY B 184 6.41 3.94 -17.63
C GLY B 184 5.86 3.97 -16.21
N GLY B 185 5.13 5.04 -15.89
CA GLY B 185 4.44 5.19 -14.59
C GLY B 185 5.29 5.86 -13.53
N GLU B 186 5.33 5.25 -12.36
CA GLU B 186 6.02 5.75 -11.14
C GLU B 186 7.55 5.57 -11.27
N ARG B 187 8.32 6.52 -10.74
CA ARG B 187 9.79 6.41 -10.61
C ARG B 187 10.17 6.24 -9.12
N PHE B 188 10.79 5.11 -8.79
CA PHE B 188 11.06 4.67 -7.39
C PHE B 188 12.47 5.05 -6.95
N ASP B 189 12.64 5.26 -5.65
CA ASP B 189 13.91 5.75 -5.15
C ASP B 189 14.96 4.65 -5.03
N SER B 190 14.52 3.40 -5.17
CA SER B 190 15.35 2.21 -4.89
C SER B 190 14.69 0.97 -5.49
N LEU B 191 15.47 -0.08 -5.73
CA LEU B 191 14.93 -1.31 -6.34
C LEU B 191 13.95 -1.97 -5.38
N THR B 192 14.27 -1.92 -4.09
CA THR B 192 13.39 -2.44 -3.05
C THR B 192 11.99 -1.84 -3.17
N ASP B 193 11.90 -0.52 -3.31
CA ASP B 193 10.60 0.13 -3.44
C ASP B 193 9.86 -0.34 -4.71
N LEU B 194 10.57 -0.34 -5.83
CA LEU B 194 10.01 -0.85 -7.08
C LEU B 194 9.55 -2.31 -6.89
N VAL B 195 10.40 -3.15 -6.27
CA VAL B 195 10.08 -4.57 -6.12
C VAL B 195 8.85 -4.71 -5.22
N GLU B 196 8.86 -4.01 -4.08
CA GLU B 196 7.73 -4.06 -3.13
C GLU B 196 6.44 -3.59 -3.84
N HIS B 197 6.51 -2.54 -4.64
CA HIS B 197 5.34 -2.05 -5.36
C HIS B 197 4.77 -3.11 -6.32
N TYR B 198 5.64 -3.89 -6.98
CA TYR B 198 5.16 -4.80 -8.02
C TYR B 198 4.82 -6.17 -7.42
N LYS B 199 5.13 -6.37 -6.14
CA LYS B 199 4.62 -7.52 -5.38
C LYS B 199 3.14 -7.29 -5.04
N LYS B 200 2.80 -6.10 -4.58
CA LYS B 200 1.41 -5.78 -4.23
C LYS B 200 0.57 -5.60 -5.50
N ASN B 201 1.16 -5.03 -6.55
CA ASN B 201 0.41 -4.66 -7.75
C ASN B 201 1.12 -5.25 -8.98
N PRO B 202 1.04 -6.58 -9.16
CA PRO B 202 1.76 -7.27 -10.25
C PRO B 202 1.44 -6.75 -11.66
N MET B 203 2.41 -6.96 -12.55
CA MET B 203 2.32 -6.51 -13.93
C MET B 203 1.49 -7.51 -14.73
N VAL B 204 0.76 -6.99 -15.73
CA VAL B 204 -0.03 -7.82 -16.63
C VAL B 204 0.41 -7.53 -18.06
N GLU B 205 0.78 -8.59 -18.78
CA GLU B 205 1.09 -8.52 -20.21
C GLU B 205 -0.22 -8.32 -21.00
N THR B 206 -0.14 -7.74 -22.21
CA THR B 206 -1.37 -7.32 -22.90
C THR B 206 -2.36 -8.49 -22.96
N LEU B 207 -1.85 -9.68 -23.28
CA LEU B 207 -2.71 -10.86 -23.49
C LEU B 207 -3.11 -11.49 -22.16
N GLY B 208 -2.61 -10.99 -21.02
CA GLY B 208 -3.30 -11.22 -19.73
C GLY B 208 -2.48 -11.95 -18.69
N THR B 209 -1.28 -12.41 -19.03
CA THR B 209 -0.46 -13.11 -18.03
C THR B 209 -0.09 -12.11 -16.93
N VAL B 210 -0.35 -12.52 -15.68
CA VAL B 210 -0.02 -11.74 -14.48
C VAL B 210 1.37 -12.18 -14.01
N LEU B 211 2.33 -11.26 -13.94
CA LEU B 211 3.73 -11.58 -13.59
C LEU B 211 3.92 -11.43 -12.07
N GLN B 212 3.51 -12.46 -11.34
CA GLN B 212 3.48 -12.47 -9.87
C GLN B 212 4.89 -12.69 -9.30
N LEU B 213 5.17 -11.95 -8.23
CA LEU B 213 6.41 -12.05 -7.50
C LEU B 213 6.11 -12.71 -6.16
N LYS B 214 6.21 -14.04 -6.14
CA LYS B 214 5.68 -14.85 -5.05
C LYS B 214 6.80 -15.29 -4.11
N GLN B 215 7.98 -15.63 -4.62
CA GLN B 215 9.12 -16.00 -3.76
C GLN B 215 10.43 -15.83 -4.54
N PRO B 216 11.49 -15.35 -3.87
CA PRO B 216 12.76 -15.20 -4.56
C PRO B 216 13.33 -16.58 -4.95
N LEU B 217 14.20 -16.57 -5.96
CA LEU B 217 14.91 -17.74 -6.37
C LEU B 217 15.66 -18.33 -5.16
N ASN B 218 15.67 -19.66 -5.05
CA ASN B 218 16.38 -20.36 -3.97
C ASN B 218 17.68 -20.98 -4.51
N THR B 219 18.82 -20.44 -4.07
CA THR B 219 20.14 -21.01 -4.40
C THR B 219 20.78 -21.67 -3.17
N THR B 220 20.10 -21.75 -2.02
CA THR B 220 20.76 -22.29 -0.80
C THR B 220 20.31 -23.73 -0.50
N ARG B 221 19.18 -24.19 -1.06
CA ARG B 221 18.80 -25.62 -0.93
C ARG B 221 19.71 -26.48 -1.85
N ILE B 222 20.48 -27.39 -1.26
CA ILE B 222 21.40 -28.22 -2.03
C ILE B 222 21.33 -29.67 -1.53
N ASN B 223 21.72 -30.57 -2.41
CA ASN B 223 21.98 -31.94 -2.03
C ASN B 223 23.20 -31.96 -1.09
N ALA B 224 23.25 -32.92 -0.16
CA ALA B 224 24.30 -32.89 0.86
C ALA B 224 25.67 -33.25 0.28
N ALA B 225 25.70 -33.89 -0.88
CA ALA B 225 26.96 -34.16 -1.59
C ALA B 225 27.54 -32.87 -2.23
N GLU B 226 26.72 -31.82 -2.38
CA GLU B 226 27.16 -30.51 -2.93
C GLU B 226 27.87 -29.63 -1.88
N ILE B 227 27.90 -30.00 -0.59
CA ILE B 227 28.29 -29.04 0.49
C ILE B 227 29.81 -28.75 0.45
N GLU B 228 30.64 -29.75 0.15
CA GLU B 228 32.11 -29.58 0.14
C GLU B 228 32.50 -28.49 -0.86
N SER B 229 31.85 -28.43 -2.03
CA SER B 229 32.21 -27.39 -3.02
C SER B 229 31.48 -26.06 -2.72
N ARG B 230 30.32 -26.11 -2.08
CA ARG B 230 29.60 -24.87 -1.70
C ARG B 230 30.40 -24.09 -0.64
N VAL B 231 31.00 -24.81 0.33
CA VAL B 231 31.86 -24.19 1.36
C VAL B 231 33.05 -23.51 0.65
N ARG B 232 33.56 -24.15 -0.41
CA ARG B 232 34.69 -23.64 -1.18
C ARG B 232 34.31 -22.29 -1.82
N GLU B 233 33.17 -22.24 -2.51
CA GLU B 233 32.64 -21.01 -3.12
C GLU B 233 32.52 -19.91 -2.06
N LEU B 234 31.91 -20.25 -0.91
CA LEU B 234 31.55 -19.29 0.14
C LEU B 234 32.80 -18.80 0.87
N SER B 235 33.93 -19.49 0.71
CA SER B 235 35.15 -19.16 1.44
C SER B 235 36.07 -18.23 0.62
N LYS B 236 35.76 -17.99 -0.66
CA LYS B 236 36.60 -17.11 -1.51
C LYS B 236 36.61 -15.68 -0.93
N GLN B 246 34.29 -14.47 1.35
CA GLN B 246 33.40 -13.41 1.82
C GLN B 246 31.98 -13.65 1.26
N GLY B 247 31.76 -14.81 0.65
CA GLY B 247 30.40 -15.26 0.33
C GLY B 247 29.61 -15.57 1.60
N PHE B 248 30.30 -16.10 2.62
CA PHE B 248 29.73 -16.46 3.92
C PHE B 248 29.07 -15.23 4.56
N TRP B 249 29.82 -14.13 4.64
CA TRP B 249 29.34 -12.90 5.23
C TRP B 249 28.09 -12.41 4.50
N GLU B 250 28.13 -12.48 3.17
CA GLU B 250 27.05 -11.97 2.33
C GLU B 250 25.75 -12.77 2.54
N GLU B 251 25.85 -14.10 2.56
CA GLU B 251 24.67 -14.95 2.79
C GLU B 251 24.11 -14.71 4.20
N PHE B 252 25.00 -14.49 5.16
CA PHE B 252 24.58 -14.30 6.56
C PHE B 252 23.82 -12.98 6.67
N GLU B 253 24.37 -11.94 6.08
CA GLU B 253 23.74 -10.64 6.18
C GLU B 253 22.38 -10.67 5.49
N THR B 254 22.24 -11.50 4.44
CA THR B 254 20.96 -11.70 3.74
C THR B 254 19.95 -12.34 4.70
N LEU B 255 20.41 -13.25 5.54
CA LEU B 255 19.57 -13.87 6.58
C LEU B 255 19.18 -12.82 7.63
N GLN B 256 20.13 -12.07 8.15
CA GLN B 256 19.85 -11.06 9.17
C GLN B 256 18.80 -10.04 8.68
N GLN B 257 18.84 -9.71 7.39
CA GLN B 257 17.89 -8.76 6.82
C GLN B 257 16.45 -9.28 6.94
N GLN B 258 16.27 -10.56 7.25
CA GLN B 258 14.93 -11.16 7.34
C GLN B 258 14.42 -11.14 8.79
N GLU B 259 15.19 -10.61 9.76
CA GLU B 259 14.82 -10.76 11.19
C GLU B 259 13.60 -9.85 11.51
N CYS B 260 13.38 -8.86 10.64
N CYS B 260 13.31 -8.84 10.67
CA CYS B 260 12.24 -7.96 10.64
CA CYS B 260 12.16 -7.97 10.94
C CYS B 260 10.90 -8.71 10.69
C CYS B 260 10.84 -8.70 10.70
N LYS B 261 10.85 -9.91 10.11
CA LYS B 261 9.62 -10.69 9.96
C LYS B 261 9.24 -11.43 11.25
N LEU B 262 10.06 -11.34 12.31
CA LEU B 262 9.99 -12.25 13.46
C LEU B 262 9.74 -11.48 14.76
N LEU B 263 9.02 -10.36 14.70
CA LEU B 263 8.80 -9.60 15.93
C LEU B 263 7.47 -10.05 16.58
N TYR B 264 7.42 -11.32 16.99
CA TYR B 264 6.23 -11.87 17.62
C TYR B 264 6.17 -11.42 19.09
N SER B 265 4.98 -11.51 19.69
CA SER B 265 4.74 -10.97 21.03
C SER B 265 5.52 -11.73 22.11
N ARG B 266 5.95 -10.99 23.14
CA ARG B 266 6.61 -11.53 24.34
C ARG B 266 5.97 -10.89 25.59
N LYS B 267 4.64 -10.77 25.63
CA LYS B 267 3.93 -10.08 26.74
C LYS B 267 4.13 -10.78 28.09
N GLU B 268 4.08 -12.11 28.11
CA GLU B 268 4.06 -12.80 29.41
C GLU B 268 5.38 -12.52 30.14
N GLY B 269 6.53 -12.64 29.47
CA GLY B 269 7.84 -12.32 30.10
C GLY B 269 7.97 -10.88 30.55
N GLN B 270 7.16 -9.99 30.00
CA GLN B 270 7.25 -8.56 30.33
C GLN B 270 6.40 -8.23 31.57
N ARG B 271 5.72 -9.21 32.17
CA ARG B 271 4.91 -8.91 33.37
C ARG B 271 5.81 -8.69 34.60
N GLN B 272 5.35 -7.80 35.48
CA GLN B 272 6.10 -7.43 36.68
C GLN B 272 6.47 -8.69 37.46
N GLU B 273 5.52 -9.63 37.55
CA GLU B 273 5.69 -10.84 38.40
C GLU B 273 6.81 -11.72 37.84
N ASN B 274 7.15 -11.51 36.58
CA ASN B 274 8.06 -12.39 35.84
C ASN B 274 9.42 -11.72 35.57
N LYS B 275 9.54 -10.43 35.88
CA LYS B 275 10.72 -9.65 35.53
C LYS B 275 12.00 -10.32 36.03
N ASN B 276 12.05 -10.78 37.29
CA ASN B 276 13.32 -11.24 37.84
C ASN B 276 13.48 -12.77 37.66
N LYS B 277 12.71 -13.34 36.72
CA LYS B 277 12.85 -14.75 36.29
C LYS B 277 13.59 -14.85 34.94
N ASN B 278 14.05 -13.69 34.46
CA ASN B 278 14.73 -13.51 33.17
C ASN B 278 16.18 -13.13 33.45
N ARG B 279 17.13 -13.78 32.79
CA ARG B 279 18.55 -13.47 32.93
C ARG B 279 18.76 -12.00 32.52
N TYR B 280 18.26 -11.64 31.34
CA TYR B 280 18.32 -10.22 30.86
C TYR B 280 16.88 -9.73 30.56
N LYS B 281 16.53 -8.52 31.02
CA LYS B 281 15.12 -8.11 31.07
C LYS B 281 14.50 -8.02 29.67
N ASN B 282 15.28 -7.82 28.60
CA ASN B 282 14.70 -7.73 27.24
C ASN B 282 14.94 -8.96 26.36
N ILE B 283 15.60 -10.03 26.86
CA ILE B 283 15.70 -11.29 26.08
C ILE B 283 14.61 -12.24 26.62
N LEU B 284 13.52 -12.36 25.86
CA LEU B 284 12.28 -12.98 26.34
C LEU B 284 11.75 -14.04 25.35
N PRO B 285 10.95 -14.99 25.85
CA PRO B 285 10.39 -16.02 25.00
C PRO B 285 9.10 -15.54 24.33
N PHE B 286 8.93 -15.90 23.05
CA PHE B 286 7.70 -15.69 22.33
C PHE B 286 6.54 -16.39 23.05
N ASP B 287 5.41 -15.68 23.14
CA ASP B 287 4.24 -16.22 23.82
C ASP B 287 3.73 -17.51 23.17
N HIS B 288 3.79 -17.61 21.84
CA HIS B 288 3.09 -18.70 21.11
C HIS B 288 3.87 -20.02 21.18
N THR B 289 5.12 -20.01 21.66
CA THR B 289 5.94 -21.25 21.79
C THR B 289 6.55 -21.41 23.20
N ARG B 290 6.21 -20.55 24.17
CA ARG B 290 6.85 -20.63 25.52
C ARG B 290 6.41 -21.94 26.18
N VAL B 291 7.24 -22.45 27.09
CA VAL B 291 6.83 -23.58 27.94
C VAL B 291 5.93 -23.04 29.06
N VAL B 292 4.72 -23.58 29.17
CA VAL B 292 3.75 -23.21 30.22
C VAL B 292 3.76 -24.29 31.31
N LEU B 293 4.09 -23.89 32.54
CA LEU B 293 4.16 -24.79 33.69
C LEU B 293 2.80 -24.82 34.39
N HIS B 294 2.31 -26.02 34.69
CA HIS B 294 1.03 -26.22 35.37
C HIS B 294 1.31 -26.77 36.77
N ASP B 295 0.26 -26.99 37.56
CA ASP B 295 0.40 -27.48 38.95
C ASP B 295 1.38 -26.65 39.79
N GLY B 296 1.36 -25.34 39.59
CA GLY B 296 2.13 -24.44 40.41
C GLY B 296 1.44 -24.19 41.75
N ASP B 297 2.14 -23.49 42.64
CA ASP B 297 1.60 -23.16 43.97
C ASP B 297 0.41 -22.21 43.80
N PRO B 298 -0.79 -22.61 44.26
CA PRO B 298 -1.92 -21.68 44.25
C PRO B 298 -1.59 -20.31 44.88
N ASN B 299 -0.73 -20.30 45.91
CA ASN B 299 -0.37 -19.06 46.61
C ASN B 299 0.42 -18.13 45.68
N VAL B 302 1.65 -15.74 39.54
CA VAL B 302 2.04 -16.33 38.25
C VAL B 302 3.10 -17.42 38.49
N SER B 303 2.66 -18.67 38.58
CA SER B 303 3.59 -19.79 38.73
C SER B 303 3.69 -20.60 37.42
N ASP B 304 3.22 -20.02 36.30
CA ASP B 304 3.31 -20.70 34.99
C ASP B 304 4.46 -20.28 34.04
N TYR B 305 5.40 -19.45 34.51
CA TYR B 305 6.39 -18.82 33.62
C TYR B 305 7.80 -19.39 33.85
N ILE B 306 8.47 -19.68 32.74
CA ILE B 306 9.92 -19.91 32.65
C ILE B 306 10.41 -19.32 31.31
N ASN B 307 11.60 -18.74 31.31
CA ASN B 307 12.20 -18.24 30.07
C ASN B 307 12.73 -19.46 29.29
N ALA B 308 11.85 -20.04 28.47
CA ALA B 308 12.09 -21.27 27.69
C ALA B 308 11.08 -21.34 26.54
N ASN B 309 11.46 -21.98 25.42
CA ASN B 309 10.60 -22.19 24.24
C ASN B 309 10.74 -23.62 23.73
N ILE B 310 9.62 -24.20 23.29
CA ILE B 310 9.61 -25.44 22.51
C ILE B 310 10.18 -25.15 21.10
N ILE B 311 11.07 -26.01 20.63
CA ILE B 311 11.55 -25.92 19.23
C ILE B 311 11.15 -27.22 18.52
N MET B 312 10.21 -27.11 17.59
CA MET B 312 9.72 -28.22 16.80
C MET B 312 10.15 -28.01 15.35
N PRO B 313 11.09 -28.82 14.84
CA PRO B 313 11.55 -28.69 13.46
C PRO B 313 10.40 -28.98 12.49
N GLU B 314 10.23 -28.15 11.46
CA GLU B 314 9.15 -28.32 10.47
C GLU B 314 9.68 -28.01 9.06
N LYS B 325 9.98 -36.20 14.70
CA LYS B 325 10.42 -37.07 15.79
C LYS B 325 10.99 -36.21 16.94
N LYS B 326 12.24 -35.77 16.81
CA LYS B 326 12.97 -35.17 17.96
C LYS B 326 12.60 -33.68 18.10
N SER B 327 12.24 -33.24 19.31
CA SER B 327 12.10 -31.80 19.59
C SER B 327 13.04 -31.34 20.72
N TYR B 328 13.07 -30.02 20.91
CA TYR B 328 14.00 -29.39 21.85
C TYR B 328 13.26 -28.40 22.75
N ILE B 329 13.79 -28.17 23.93
CA ILE B 329 13.51 -26.96 24.68
C ILE B 329 14.80 -26.14 24.75
N ALA B 330 14.71 -24.90 24.28
CA ALA B 330 15.80 -23.95 24.34
C ALA B 330 15.54 -22.97 25.49
N THR B 331 16.49 -22.83 26.39
CA THR B 331 16.27 -22.04 27.59
C THR B 331 17.61 -21.49 28.08
N GLN B 332 17.48 -20.64 29.08
CA GLN B 332 18.59 -19.87 29.58
C GLN B 332 19.30 -20.64 30.73
N GLY B 333 20.51 -20.22 31.11
CA GLY B 333 21.10 -20.66 32.40
C GLY B 333 20.20 -20.29 33.58
N CYS B 334 20.25 -21.06 34.67
CA CYS B 334 19.34 -20.83 35.79
C CYS B 334 19.75 -19.56 36.56
N LEU B 335 18.74 -18.87 37.10
CA LEU B 335 18.95 -17.99 38.23
C LEU B 335 18.68 -18.78 39.52
N GLN B 336 19.18 -18.26 40.63
CA GLN B 336 18.98 -18.97 41.90
C GLN B 336 17.46 -19.10 42.18
N ASN B 337 16.68 -18.06 41.84
CA ASN B 337 15.21 -18.07 42.06
C ASN B 337 14.48 -18.89 40.97
N THR B 338 15.14 -19.45 39.94
CA THR B 338 14.38 -20.26 38.95
C THR B 338 14.81 -21.73 38.95
N VAL B 339 15.69 -22.16 39.86
CA VAL B 339 16.13 -23.57 39.81
C VAL B 339 14.91 -24.48 40.01
N ASN B 340 14.05 -24.14 40.98
CA ASN B 340 12.90 -25.00 41.25
C ASN B 340 12.03 -25.13 39.98
N ASP B 341 11.86 -24.03 39.24
CA ASP B 341 10.98 -24.02 38.04
C ASP B 341 11.59 -24.83 36.88
N PHE B 342 12.91 -24.79 36.77
CA PHE B 342 13.63 -25.58 35.76
C PHE B 342 13.31 -27.07 35.95
N TRP B 343 13.39 -27.57 37.19
CA TRP B 343 13.10 -28.97 37.46
C TRP B 343 11.61 -29.28 37.27
N ARG B 344 10.70 -28.33 37.56
CA ARG B 344 9.27 -28.53 37.26
C ARG B 344 9.08 -28.81 35.76
N MET B 345 9.79 -28.03 34.95
CA MET B 345 9.71 -28.11 33.48
C MET B 345 10.19 -29.48 32.97
N VAL B 346 11.36 -29.90 33.43
CA VAL B 346 11.98 -31.22 33.01
C VAL B 346 11.00 -32.35 33.31
N PHE B 347 10.40 -32.34 34.50
CA PHE B 347 9.50 -33.40 34.93
C PHE B 347 8.23 -33.36 34.06
N GLN B 348 7.63 -32.17 33.95
CA GLN B 348 6.35 -31.97 33.26
C GLN B 348 6.46 -32.39 31.77
N GLU B 349 7.57 -32.03 31.12
CA GLU B 349 7.72 -32.26 29.68
C GLU B 349 8.29 -33.65 29.41
N ASN B 350 8.57 -34.41 30.48
CA ASN B 350 9.09 -35.80 30.39
C ASN B 350 10.50 -35.83 29.75
N SER B 351 11.30 -34.76 29.89
CA SER B 351 12.66 -34.70 29.32
C SER B 351 13.61 -35.68 30.04
N ARG B 352 14.40 -36.41 29.24
CA ARG B 352 15.34 -37.40 29.76
C ARG B 352 16.80 -37.06 29.45
N VAL B 353 17.05 -36.02 28.64
CA VAL B 353 18.42 -35.63 28.24
C VAL B 353 18.56 -34.11 28.32
N ILE B 354 19.64 -33.66 28.95
CA ILE B 354 19.99 -32.22 29.03
C ILE B 354 21.38 -31.98 28.44
N VAL B 355 21.51 -30.88 27.68
CA VAL B 355 22.77 -30.37 27.15
C VAL B 355 23.04 -28.98 27.76
N MET B 356 24.20 -28.81 28.43
CA MET B 356 24.71 -27.48 28.90
C MET B 356 25.84 -26.99 27.97
N THR B 357 25.74 -25.74 27.48
CA THR B 357 26.61 -25.19 26.42
C THR B 357 27.80 -24.36 26.97
N THR B 358 27.91 -24.19 28.28
CA THR B 358 28.96 -23.36 28.86
C THR B 358 29.48 -24.03 30.13
N LYS B 359 30.69 -23.66 30.55
CA LYS B 359 31.16 -23.96 31.92
C LYS B 359 30.29 -23.17 32.92
N GLU B 360 30.39 -23.51 34.21
CA GLU B 360 29.67 -22.70 35.22
C GLU B 360 30.19 -21.27 35.18
N VAL B 361 31.53 -21.16 35.05
CA VAL B 361 32.23 -19.88 35.03
C VAL B 361 33.13 -19.82 33.77
N GLU B 362 33.10 -18.69 33.06
CA GLU B 362 34.06 -18.40 31.98
C GLU B 362 34.52 -16.94 32.11
N ARG B 363 35.84 -16.72 32.01
CA ARG B 363 36.42 -15.35 32.05
C ARG B 363 36.01 -14.62 33.35
N GLY B 364 35.96 -15.35 34.46
CA GLY B 364 35.60 -14.76 35.78
C GLY B 364 34.11 -14.48 35.93
N LYS B 365 33.32 -14.81 34.92
CA LYS B 365 31.91 -14.45 34.84
C LYS B 365 31.04 -15.72 34.93
N SER B 366 30.02 -15.68 35.81
CA SER B 366 29.01 -16.73 35.93
C SER B 366 28.20 -16.84 34.63
N LYS B 367 28.21 -18.02 34.00
CA LYS B 367 27.51 -18.25 32.74
C LYS B 367 26.41 -19.33 32.87
N CYS B 368 26.47 -20.20 33.88
CA CYS B 368 25.44 -21.26 34.09
C CYS B 368 25.46 -21.78 35.54
N VAL B 369 24.55 -21.27 36.40
CA VAL B 369 24.64 -21.58 37.84
C VAL B 369 24.34 -23.07 38.06
N LYS B 370 25.06 -23.70 38.99
CA LYS B 370 24.90 -25.13 39.36
C LYS B 370 23.48 -25.36 39.88
N TYR B 371 22.77 -26.37 39.35
CA TYR B 371 21.39 -26.67 39.79
C TYR B 371 21.22 -28.16 40.09
N TRP B 372 22.33 -28.91 40.26
CA TRP B 372 22.33 -30.35 40.47
C TRP B 372 23.16 -30.68 41.73
N PRO B 373 22.89 -31.81 42.40
CA PRO B 373 23.69 -32.20 43.56
C PRO B 373 25.13 -32.62 43.20
N ASP B 374 26.05 -32.55 44.16
CA ASP B 374 27.39 -33.21 44.02
C ASP B 374 27.22 -34.71 43.73
N GLU B 375 28.24 -35.35 43.16
CA GLU B 375 28.22 -36.80 42.93
C GLU B 375 27.92 -37.56 44.23
N TYR B 376 26.97 -38.49 44.13
CA TYR B 376 26.46 -39.39 45.18
C TYR B 376 25.47 -38.69 46.14
N ALA B 377 25.26 -37.39 46.06
CA ALA B 377 24.37 -36.71 47.01
C ALA B 377 22.93 -36.65 46.48
N LEU B 378 22.03 -36.23 47.38
CA LEU B 378 20.59 -36.10 47.13
C LEU B 378 20.12 -34.72 47.66
N LYS B 379 19.35 -34.02 46.84
CA LYS B 379 18.86 -32.68 47.20
C LYS B 379 17.37 -32.57 46.80
N GLU B 380 16.62 -31.77 47.56
CA GLU B 380 15.25 -31.40 47.22
C GLU B 380 15.23 -29.98 46.62
N TYR B 381 14.56 -29.83 45.48
CA TYR B 381 14.35 -28.55 44.81
C TYR B 381 12.84 -28.31 44.75
N GLY B 382 12.29 -27.58 45.72
CA GLY B 382 10.84 -27.58 45.96
C GLY B 382 10.26 -28.98 46.05
N VAL B 383 9.27 -29.26 45.21
CA VAL B 383 8.55 -30.55 45.20
C VAL B 383 9.36 -31.64 44.47
N MET B 384 10.46 -31.29 43.80
CA MET B 384 11.22 -32.29 43.04
C MET B 384 12.44 -32.75 43.87
N ARG B 385 12.78 -34.01 43.71
CA ARG B 385 13.94 -34.64 44.40
C ARG B 385 14.92 -35.11 43.32
N VAL B 386 16.23 -34.85 43.48
CA VAL B 386 17.26 -35.24 42.51
C VAL B 386 18.42 -35.92 43.24
N ARG B 387 18.78 -37.12 42.76
CA ARG B 387 20.01 -37.83 43.14
C ARG B 387 21.01 -37.77 41.97
N ASN B 388 22.27 -37.45 42.27
CA ASN B 388 23.37 -37.56 41.30
C ASN B 388 24.01 -38.94 41.47
N VAL B 389 23.66 -39.87 40.58
CA VAL B 389 24.04 -41.28 40.73
C VAL B 389 25.53 -41.48 40.40
N LYS B 390 26.02 -40.86 39.33
CA LYS B 390 27.39 -41.12 38.83
C LYS B 390 27.75 -40.06 37.78
N GLU B 391 28.97 -39.53 37.88
CA GLU B 391 29.57 -38.67 36.88
C GLU B 391 30.65 -39.45 36.11
N SER B 392 30.74 -39.22 34.81
CA SER B 392 31.83 -39.77 34.00
C SER B 392 32.43 -38.68 33.11
N ALA B 393 33.74 -38.48 33.21
CA ALA B 393 34.42 -37.41 32.47
C ALA B 393 34.96 -37.93 31.13
N ALA B 394 34.72 -37.16 30.08
CA ALA B 394 35.38 -37.33 28.79
C ALA B 394 36.23 -36.08 28.55
N HIS B 395 37.02 -36.01 27.47
CA HIS B 395 37.83 -34.81 27.29
C HIS B 395 36.93 -33.58 27.11
N ASP B 396 35.93 -33.66 26.25
CA ASP B 396 35.15 -32.47 25.84
C ASP B 396 33.91 -32.20 26.72
N TYR B 397 33.55 -33.16 27.57
CA TYR B 397 32.31 -33.08 28.32
C TYR B 397 32.31 -33.99 29.54
N THR B 398 31.43 -33.65 30.48
CA THR B 398 31.07 -34.50 31.63
C THR B 398 29.60 -34.92 31.56
N LEU B 399 29.36 -36.20 31.76
CA LEU B 399 28.02 -36.80 31.80
C LEU B 399 27.64 -37.06 33.26
N ARG B 400 26.48 -36.56 33.69
CA ARG B 400 25.97 -36.84 35.04
C ARG B 400 24.66 -37.62 34.91
N GLU B 401 24.63 -38.79 35.53
CA GLU B 401 23.43 -39.62 35.58
C GLU B 401 22.62 -39.21 36.82
N LEU B 402 21.53 -38.44 36.59
CA LEU B 402 20.69 -37.86 37.64
C LEU B 402 19.42 -38.72 37.76
N LYS B 403 18.86 -38.85 38.96
CA LYS B 403 17.52 -39.45 39.15
C LYS B 403 16.54 -38.38 39.66
N LEU B 404 15.48 -38.14 38.89
CA LEU B 404 14.48 -37.10 39.18
C LEU B 404 13.15 -37.76 39.58
N SER B 405 12.56 -37.27 40.69
CA SER B 405 11.25 -37.73 41.14
C SER B 405 10.50 -36.61 41.88
N LYS B 406 9.21 -36.84 42.09
CA LYS B 406 8.38 -35.93 42.88
C LYS B 406 8.41 -36.38 44.35
N VAL B 407 8.70 -35.46 45.24
CA VAL B 407 8.75 -35.77 46.68
C VAL B 407 7.39 -36.34 47.12
N GLY B 408 7.45 -37.46 47.84
CA GLY B 408 6.26 -38.11 48.38
C GLY B 408 5.66 -39.16 47.47
N GLN B 409 6.24 -39.39 46.29
CA GLN B 409 5.66 -40.28 45.28
C GLN B 409 6.76 -41.09 44.57
N GLY B 410 7.10 -42.25 45.15
CA GLY B 410 8.18 -43.13 44.65
C GLY B 410 8.05 -43.46 43.17
N ASN B 411 6.84 -43.85 42.80
CA ASN B 411 6.44 -44.29 41.44
C ASN B 411 6.77 -43.27 40.33
N THR B 412 7.22 -42.06 40.63
CA THR B 412 7.42 -41.04 39.58
C THR B 412 8.88 -40.96 39.09
N GLU B 413 9.79 -41.78 39.61
CA GLU B 413 11.23 -41.69 39.32
C GLU B 413 11.47 -41.89 37.80
N ARG B 414 12.30 -41.04 37.18
CA ARG B 414 12.97 -41.32 35.86
C ARG B 414 14.45 -40.86 35.91
N THR B 415 15.29 -41.51 35.10
CA THR B 415 16.68 -41.05 34.92
C THR B 415 16.71 -39.88 33.94
N VAL B 416 17.47 -38.85 34.28
CA VAL B 416 17.77 -37.74 33.35
C VAL B 416 19.28 -37.71 33.09
N TRP B 417 19.68 -37.71 31.83
CA TRP B 417 21.10 -37.81 31.43
C TRP B 417 21.60 -36.40 31.06
N GLN B 418 22.52 -35.87 31.86
CA GLN B 418 22.96 -34.46 31.73
C GLN B 418 24.34 -34.45 31.06
N TYR B 419 24.42 -33.85 29.88
CA TYR B 419 25.67 -33.79 29.06
C TYR B 419 26.21 -32.35 29.09
N HIS B 420 27.31 -32.14 29.81
CA HIS B 420 27.88 -30.84 30.12
C HIS B 420 29.11 -30.58 29.25
N PHE B 421 28.94 -29.80 28.16
CA PHE B 421 30.01 -29.50 27.21
C PHE B 421 30.98 -28.48 27.81
N ARG B 422 32.28 -28.79 27.82
CA ARG B 422 33.21 -28.01 28.61
C ARG B 422 34.29 -27.35 27.75
N THR B 423 34.46 -27.68 26.47
CA THR B 423 35.65 -27.15 25.75
C THR B 423 35.30 -26.01 24.78
N TRP B 424 34.10 -25.46 24.79
CA TRP B 424 33.83 -24.32 23.87
C TRP B 424 34.80 -23.18 24.25
N PRO B 425 35.51 -22.58 23.28
CA PRO B 425 36.51 -21.55 23.61
C PRO B 425 35.90 -20.27 24.22
N ASP B 426 36.67 -19.58 25.05
CA ASP B 426 36.19 -18.34 25.67
C ASP B 426 35.86 -17.28 24.61
N HIS B 427 36.60 -17.26 23.51
CA HIS B 427 36.39 -16.35 22.38
C HIS B 427 36.03 -17.14 21.11
N GLY B 428 34.93 -16.79 20.47
CA GLY B 428 34.61 -17.30 19.11
C GLY B 428 33.96 -18.69 19.13
N VAL B 429 34.36 -19.51 18.17
CA VAL B 429 33.78 -20.85 17.98
C VAL B 429 34.94 -21.85 17.91
N PRO B 430 34.68 -23.15 18.18
CA PRO B 430 35.80 -24.12 18.21
C PRO B 430 36.50 -24.20 16.85
N SER B 431 37.81 -24.39 16.90
CA SER B 431 38.68 -24.46 15.70
C SER B 431 38.34 -25.70 14.87
N ASP B 432 37.99 -26.80 15.55
CA ASP B 432 37.65 -28.06 14.90
C ASP B 432 36.22 -28.45 15.38
N PRO B 433 35.32 -28.86 14.45
CA PRO B 433 33.96 -29.28 14.83
C PRO B 433 33.80 -30.75 15.29
N GLY B 434 34.87 -31.55 15.20
CA GLY B 434 34.85 -32.98 15.60
C GLY B 434 34.28 -33.21 16.98
N GLY B 435 34.66 -32.34 17.93
CA GLY B 435 34.28 -32.48 19.32
C GLY B 435 32.79 -32.28 19.52
N VAL B 436 32.25 -31.22 18.90
CA VAL B 436 30.84 -30.94 18.93
C VAL B 436 30.09 -32.12 18.28
N LEU B 437 30.60 -32.64 17.18
CA LEU B 437 29.85 -33.64 16.38
C LEU B 437 29.80 -34.97 17.16
N ASP B 438 30.93 -35.37 17.73
CA ASP B 438 30.98 -36.63 18.53
C ASP B 438 30.06 -36.57 19.77
N PHE B 439 30.02 -35.40 20.40
CA PHE B 439 29.12 -35.12 21.53
C PHE B 439 27.65 -35.25 21.09
N LEU B 440 27.25 -34.60 19.98
CA LEU B 440 25.83 -34.70 19.49
C LEU B 440 25.54 -36.14 19.03
N GLU B 441 26.53 -36.86 18.52
CA GLU B 441 26.30 -38.24 18.16
C GLU B 441 25.95 -39.05 19.41
N GLU B 442 26.69 -38.87 20.51
CA GLU B 442 26.41 -39.60 21.74
C GLU B 442 25.06 -39.15 22.32
N VAL B 443 24.76 -37.85 22.27
CA VAL B 443 23.51 -37.33 22.85
C VAL B 443 22.34 -37.94 22.07
N HIS B 444 22.47 -38.04 20.75
CA HIS B 444 21.42 -38.61 19.88
C HIS B 444 21.12 -40.08 20.18
N HIS B 445 22.17 -40.91 20.32
CA HIS B 445 21.93 -42.32 20.59
C HIS B 445 21.31 -42.48 21.99
N LYS B 446 21.69 -41.68 22.98
CA LYS B 446 21.05 -41.78 24.32
C LYS B 446 19.55 -41.52 24.20
N GLN B 447 19.19 -40.42 23.56
CA GLN B 447 17.76 -40.03 23.36
C GLN B 447 17.01 -41.15 22.63
N GLU B 448 17.63 -41.70 21.59
CA GLU B 448 16.99 -42.73 20.79
C GLU B 448 16.78 -44.03 21.60
N SER B 449 17.58 -44.30 22.61
CA SER B 449 17.48 -45.57 23.36
C SER B 449 16.34 -45.55 24.38
N ILE B 450 15.76 -44.38 24.67
CA ILE B 450 14.75 -44.23 25.75
C ILE B 450 13.35 -44.06 25.14
N MET B 451 12.48 -45.03 25.38
CA MET B 451 11.22 -45.23 24.67
C MET B 451 10.41 -43.93 24.52
N ASP B 452 9.89 -43.35 25.59
CA ASP B 452 8.95 -42.23 25.35
C ASP B 452 9.48 -40.84 25.69
N ALA B 453 10.79 -40.66 25.55
CA ALA B 453 11.48 -39.49 26.04
C ALA B 453 10.83 -38.22 25.46
N GLY B 454 10.81 -37.17 26.26
CA GLY B 454 10.36 -35.87 25.81
C GLY B 454 11.44 -35.12 25.05
N PRO B 455 11.26 -33.79 24.91
CA PRO B 455 12.21 -32.97 24.20
C PRO B 455 13.56 -32.93 24.92
N VAL B 456 14.61 -32.74 24.14
CA VAL B 456 15.94 -32.57 24.69
C VAL B 456 16.09 -31.10 25.11
N VAL B 457 16.49 -30.88 26.38
CA VAL B 457 16.72 -29.58 26.89
C VAL B 457 18.13 -29.14 26.49
N VAL B 458 18.28 -27.91 25.96
CA VAL B 458 19.57 -27.31 25.55
C VAL B 458 19.62 -25.89 26.15
N HIS B 459 20.63 -25.61 27.02
CA HIS B 459 20.67 -24.35 27.75
C HIS B 459 22.07 -23.91 28.16
N CYS B 460 22.04 -22.70 28.73
CA CYS B 460 23.03 -21.93 29.51
C CYS B 460 23.03 -20.50 28.92
N SER B 461 23.78 -19.59 29.52
CA SER B 461 23.85 -18.17 29.11
C SER B 461 22.43 -17.61 28.93
N ALA B 462 22.20 -16.87 27.83
CA ALA B 462 20.88 -16.37 27.48
C ALA B 462 20.06 -17.45 26.75
N GLY B 463 20.70 -18.53 26.35
CA GLY B 463 20.01 -19.60 25.65
C GLY B 463 19.60 -19.26 24.22
N ILE B 464 20.39 -18.47 23.50
CA ILE B 464 20.09 -18.20 22.09
C ILE B 464 21.32 -18.37 21.18
N GLY B 465 22.56 -18.10 21.62
CA GLY B 465 23.76 -18.18 20.71
C GLY B 465 24.30 -19.60 20.51
N ARG B 466 25.01 -20.10 21.54
CA ARG B 466 25.52 -21.47 21.50
C ARG B 466 24.33 -22.42 21.44
N THR B 467 23.32 -22.12 22.26
CA THR B 467 22.13 -22.96 22.27
C THR B 467 21.53 -23.13 20.86
N GLY B 468 21.37 -22.02 20.11
CA GLY B 468 20.83 -22.11 18.75
C GLY B 468 21.74 -22.84 17.76
N THR B 469 23.04 -22.68 17.91
CA THR B 469 24.05 -23.30 17.05
C THR B 469 24.03 -24.83 17.25
N PHE B 470 24.11 -25.28 18.50
CA PHE B 470 24.01 -26.72 18.78
C PHE B 470 22.68 -27.27 18.20
N ILE B 471 21.54 -26.65 18.46
CA ILE B 471 20.27 -27.21 17.95
C ILE B 471 20.28 -27.28 16.40
N VAL B 472 20.72 -26.22 15.69
CA VAL B 472 20.65 -26.20 14.23
C VAL B 472 21.56 -27.28 13.63
N ILE B 473 22.77 -27.42 14.16
CA ILE B 473 23.67 -28.51 13.77
C ILE B 473 22.99 -29.84 14.01
N ASP B 474 22.45 -30.07 15.22
CA ASP B 474 21.69 -31.28 15.47
C ASP B 474 20.55 -31.59 14.45
N ILE B 475 19.73 -30.61 14.07
CA ILE B 475 18.66 -30.84 13.08
C ILE B 475 19.26 -31.31 11.74
N LEU B 476 20.34 -30.69 11.32
CA LEU B 476 20.88 -30.89 9.96
C LEU B 476 21.57 -32.25 9.87
N ILE B 477 22.34 -32.61 10.88
CA ILE B 477 23.03 -33.89 10.85
C ILE B 477 21.98 -35.01 10.98
N ASP B 478 20.88 -34.77 11.70
CA ASP B 478 19.76 -35.73 11.76
C ASP B 478 19.19 -36.11 10.40
N ILE B 479 19.00 -35.14 9.52
CA ILE B 479 18.53 -35.42 8.15
C ILE B 479 19.56 -36.33 7.47
N ILE B 480 20.82 -35.92 7.49
CA ILE B 480 21.88 -36.64 6.81
C ILE B 480 22.04 -38.06 7.38
N ARG B 481 21.90 -38.27 8.69
CA ARG B 481 22.15 -39.58 9.34
C ARG B 481 21.11 -40.62 8.89
N GLU B 482 19.85 -40.19 8.72
CA GLU B 482 18.78 -41.11 8.31
C GLU B 482 18.70 -41.24 6.78
N LYS B 483 19.04 -40.19 6.03
CA LYS B 483 18.83 -40.18 4.56
C LYS B 483 20.16 -40.22 3.79
N GLY B 484 21.29 -39.90 4.40
CA GLY B 484 22.55 -39.90 3.66
C GLY B 484 22.62 -38.77 2.65
N VAL B 485 23.62 -38.83 1.78
CA VAL B 485 23.91 -37.74 0.84
C VAL B 485 22.74 -37.53 -0.13
N ASP B 486 21.82 -38.48 -0.27
CA ASP B 486 20.65 -38.28 -1.16
C ASP B 486 19.53 -37.56 -0.40
N CYS B 487 19.77 -36.28 -0.10
CA CYS B 487 18.92 -35.48 0.80
C CYS B 487 19.25 -33.98 0.64
N ASP B 488 18.23 -33.12 0.55
CA ASP B 488 18.44 -31.67 0.39
C ASP B 488 18.49 -30.96 1.75
N ILE B 489 19.51 -30.13 1.96
CA ILE B 489 19.54 -29.22 3.12
C ILE B 489 19.56 -27.76 2.63
N ASP B 490 19.04 -26.92 3.52
CA ASP B 490 18.93 -25.47 3.33
C ASP B 490 19.20 -24.82 4.71
N VAL B 491 20.42 -24.31 4.91
CA VAL B 491 20.88 -23.80 6.22
C VAL B 491 20.11 -22.52 6.61
N PRO B 492 20.15 -21.45 5.77
CA PRO B 492 19.46 -20.19 6.15
C PRO B 492 17.95 -20.39 6.43
N LYS B 493 17.30 -21.21 5.64
CA LYS B 493 15.88 -21.44 5.76
C LYS B 493 15.58 -22.16 7.08
N THR B 494 16.43 -23.13 7.41
CA THR B 494 16.30 -23.91 8.64
C THR B 494 16.49 -22.97 9.86
N ILE B 495 17.44 -22.06 9.79
CA ILE B 495 17.69 -21.15 10.87
C ILE B 495 16.52 -20.18 11.03
N GLN B 496 16.01 -19.62 9.92
CA GLN B 496 14.85 -18.71 9.98
C GLN B 496 13.65 -19.41 10.65
N MET B 497 13.44 -20.68 10.34
CA MET B 497 12.40 -21.51 10.98
C MET B 497 12.64 -21.65 12.50
N VAL B 498 13.90 -21.74 12.95
CA VAL B 498 14.17 -21.91 14.40
C VAL B 498 14.06 -20.55 15.13
N ARG B 499 14.51 -19.47 14.50
CA ARG B 499 14.40 -18.10 14.99
C ARG B 499 12.93 -17.64 15.14
N SER B 500 11.99 -18.27 14.43
CA SER B 500 10.56 -17.95 14.57
C SER B 500 9.96 -18.62 15.81
N GLN B 501 10.74 -19.44 16.53
CA GLN B 501 10.26 -20.14 17.73
C GLN B 501 10.99 -19.67 19.00
N ARG B 502 12.18 -19.08 18.87
CA ARG B 502 12.81 -18.35 19.99
C ARG B 502 13.66 -17.22 19.40
N SER B 503 13.66 -16.07 20.06
CA SER B 503 14.33 -14.90 19.50
C SER B 503 15.83 -15.17 19.30
N GLY B 504 16.33 -14.89 18.10
CA GLY B 504 17.78 -14.66 17.89
C GLY B 504 18.62 -15.93 17.87
N MET B 505 17.99 -17.07 17.70
CA MET B 505 18.70 -18.35 17.68
C MET B 505 19.78 -18.31 16.59
N VAL B 506 21.04 -18.52 17.00
CA VAL B 506 22.27 -18.31 16.22
C VAL B 506 22.54 -16.81 16.11
N GLN B 507 23.62 -16.38 16.78
CA GLN B 507 23.89 -14.98 17.09
C GLN B 507 24.87 -14.35 16.10
N THR B 508 25.85 -15.10 15.59
CA THR B 508 26.99 -14.45 14.92
C THR B 508 27.36 -15.18 13.62
N GLU B 509 28.12 -14.45 12.83
CA GLU B 509 28.55 -14.91 11.54
C GLU B 509 29.59 -16.04 11.73
N ALA B 510 30.41 -15.92 12.76
CA ALA B 510 31.31 -17.02 13.10
C ALA B 510 30.51 -18.31 13.38
N GLN B 511 29.37 -18.20 14.09
CA GLN B 511 28.52 -19.38 14.39
C GLN B 511 27.86 -19.87 13.10
N TYR B 512 27.44 -18.97 12.22
CA TYR B 512 26.86 -19.36 10.91
C TYR B 512 27.85 -20.24 10.11
N ARG B 513 29.07 -19.76 9.97
CA ARG B 513 30.17 -20.47 9.26
C ARG B 513 30.49 -21.80 9.95
N PHE B 514 30.51 -21.82 11.29
CA PHE B 514 30.79 -23.07 12.03
C PHE B 514 29.71 -24.11 11.70
N ILE B 515 28.46 -23.67 11.51
CA ILE B 515 27.36 -24.61 11.20
C ILE B 515 27.67 -25.30 9.87
N TYR B 516 28.15 -24.52 8.91
CA TYR B 516 28.45 -25.07 7.59
C TYR B 516 29.61 -26.06 7.73
N MET B 517 30.69 -25.62 8.39
CA MET B 517 31.91 -26.45 8.60
C MET B 517 31.56 -27.76 9.31
N ALA B 518 30.64 -27.78 10.27
CA ALA B 518 30.35 -29.02 11.01
C ALA B 518 29.55 -29.99 10.12
N VAL B 519 28.68 -29.44 9.27
CA VAL B 519 27.94 -30.25 8.28
C VAL B 519 28.98 -30.87 7.32
N GLN B 520 29.95 -30.08 6.87
CA GLN B 520 30.97 -30.54 5.88
C GLN B 520 31.83 -31.69 6.46
N HIS B 521 32.27 -31.51 7.72
CA HIS B 521 33.07 -32.48 8.51
C HIS B 521 32.28 -33.77 8.77
N TYR B 522 30.98 -33.65 9.02
CA TYR B 522 30.12 -34.81 9.30
C TYR B 522 30.06 -35.72 8.06
N ILE B 523 29.78 -35.08 6.92
CA ILE B 523 29.77 -35.74 5.61
C ILE B 523 31.10 -36.49 5.42
N GLU B 524 32.21 -35.79 5.67
CA GLU B 524 33.55 -36.32 5.36
C GLU B 524 33.86 -37.55 6.23
N THR B 525 33.52 -37.52 7.52
CA THR B 525 33.81 -38.67 8.39
C THR B 525 33.02 -39.91 7.94
N LEU B 526 31.78 -39.71 7.47
CA LEU B 526 30.93 -40.81 6.97
C LEU B 526 31.45 -41.36 5.64
N GLN B 527 32.12 -40.54 4.84
CA GLN B 527 32.75 -41.03 3.59
C GLN B 527 34.01 -41.83 3.96
N ARG B 528 34.89 -41.22 4.73
CA ARG B 528 36.11 -41.89 5.24
C ARG B 528 35.79 -43.32 5.66
N ARG B 529 34.74 -43.49 6.46
CA ARG B 529 34.41 -44.79 7.05
C ARG B 529 34.12 -45.80 5.93
N LEU B 530 33.35 -45.38 4.91
CA LEU B 530 32.91 -46.29 3.83
C LEU B 530 34.11 -46.77 2.99
N GLU B 531 35.18 -45.97 2.91
CA GLU B 531 36.31 -46.28 2.04
C GLU B 531 37.27 -47.22 2.76
C1 A1H4Q C . -18.85 17.01 -0.28
C3 A1H4Q C . -18.12 15.56 -2.20
C6 A1H4Q C . -16.65 16.90 -3.23
C7 A1H4Q C . -15.71 17.51 -4.07
C8 A1H4Q C . -15.28 18.79 -3.78
C10 A1H4Q C . -16.71 18.87 -1.83
C16 A1H4Q C . -15.42 22.06 0.13
C19 A1H4Q C . -12.19 24.02 -0.60
C21 A1H4Q C . -9.79 23.42 -0.09
C23 A1H4Q C . -11.75 21.95 0.49
C24 A1H4Q C . -13.11 21.67 0.52
C25 A1H4Q C . -13.82 20.47 1.07
C26 A1H4Q C . -17.17 17.58 -2.12
N2 A1H4Q C . -18.07 16.73 -1.49
C4 A1H4Q C . -17.28 15.63 -3.26
CL5 A1H4Q C . -16.87 14.34 -4.35
C9 A1H4Q C . -15.78 19.46 -2.67
N11 A1H4Q C . -17.22 19.58 -0.71
S12 A1H4Q C . -16.34 19.57 0.71
O13 A1H4Q C . -17.19 20.02 1.76
O14 A1H4Q C . -15.73 18.28 0.80
N15 A1H4Q C . -15.18 20.65 0.53
C17 A1H4Q C . -14.01 22.57 -0.01
C18 A1H4Q C . -13.55 23.75 -0.58
C20 A1H4Q C . -11.27 23.13 -0.07
N22 A1H4Q C . -9.06 22.55 -1.05
H32 A1H4Q C . -19.73 16.35 -0.25
H30 A1H4Q C . -19.22 18.04 -0.25
H31 A1H4Q C . -18.26 16.80 0.61
H33 A1H4Q C . -18.77 14.73 -1.91
H34 A1H4Q C . -15.34 16.96 -4.93
H35 A1H4Q C . -14.54 19.27 -4.42
H38 A1H4Q C . -15.97 22.13 -0.80
H39 A1H4Q C . -15.97 22.63 0.87
H41 A1H4Q C . -11.85 24.95 -1.05
H43 A1H4Q C . -9.61 24.46 -0.34
H42 A1H4Q C . -9.37 23.30 0.90
H44 A1H4Q C . -11.06 21.22 0.93
H46 A1H4Q C . -13.80 20.47 2.16
H45 A1H4Q C . -13.39 19.53 0.75
H36 A1H4Q C . -15.42 20.47 -2.46
H37 A1H4Q C . -18.17 19.89 -0.82
H40 A1H4Q C . -14.25 24.47 -1.00
H27 A1H4Q C . -9.70 21.95 -1.56
H28 A1H4Q C . -8.38 21.96 -0.58
H29 A1H4Q C . -8.57 23.12 -1.74
C1 A1H4Q D . 15.75 -19.83 1.32
C3 A1H4Q D . 14.88 -18.58 3.31
C6 A1H4Q D . 16.53 -17.12 3.68
C7 A1H4Q D . 17.39 -16.12 4.12
C8 A1H4Q D . 18.59 -15.91 3.47
C10 A1H4Q D . 18.09 -17.68 1.91
C16 A1H4Q D . 20.83 -17.04 -0.87
C19 A1H4Q D . 23.08 -13.95 -1.26
C21 A1H4Q D . 22.51 -11.64 -2.10
C23 A1H4Q D . 20.83 -13.51 -1.94
C24 A1H4Q D . 20.48 -14.82 -1.63
C25 A1H4Q D . 19.15 -15.50 -1.74
C26 A1H4Q D . 16.87 -17.92 2.57
N2 A1H4Q D . 15.84 -18.81 2.36
C4 A1H4Q D . 15.24 -17.56 4.13
CL5 A1H4Q D . 14.27 -16.82 5.38
C9 A1H4Q D . 18.94 -16.68 2.38
N11 A1H4Q D . 18.47 -18.47 0.79
S12 A1H4Q D . 18.24 -17.84 -0.72
O13 A1H4Q D . 18.43 -18.91 -1.66
O14 A1H4Q D . 16.99 -17.15 -0.69
N15 A1H4Q D . 19.39 -16.74 -0.95
C17 A1H4Q D . 21.44 -15.69 -1.12
C18 A1H4Q D . 22.74 -15.25 -0.94
C20 A1H4Q D . 22.14 -13.06 -1.76
N22 A1H4Q D . 21.74 -10.65 -1.31
H32 A1H4Q D . 16.52 -20.60 1.45
H30 A1H4Q D . 15.85 -19.40 0.32
H31 A1H4Q D . 14.79 -20.33 1.35
H33 A1H4Q D . 13.97 -19.17 3.34
H34 A1H4Q D . 17.10 -15.52 4.98
H35 A1H4Q D . 19.26 -15.12 3.82
H38 A1H4Q D . 21.11 -17.41 0.12
H39 A1H4Q D . 21.16 -17.77 -1.60
H41 A1H4Q D . 24.11 -13.63 -1.10
H43 A1H4Q D . 23.57 -11.47 -1.92
H42 A1H4Q D . 22.38 -11.46 -3.16
H44 A1H4Q D . 20.06 -12.84 -2.33
H46 A1H4Q D . 18.90 -15.72 -2.78
H45 A1H4Q D . 18.33 -14.93 -1.32
H36 A1H4Q D . 19.89 -16.49 1.88
H37 A1H4Q D . 18.55 -19.46 1.02
H40 A1H4Q D . 23.49 -15.93 -0.56
H27 A1H4Q D . 21.41 -11.06 -0.44
H28 A1H4Q D . 20.92 -10.34 -1.82
H29 A1H4Q D . 22.30 -9.84 -1.09
#